data_7VOI
#
_entry.id   7VOI
#
_cell.length_a   110.989
_cell.length_b   110.989
_cell.length_c   242.904
_cell.angle_alpha   90.000
_cell.angle_beta   90.000
_cell.angle_gamma   90.000
#
_symmetry.space_group_name_H-M   'P 41 21 2'
#
loop_
_entity.id
_entity.type
_entity.pdbx_description
1 polymer 'CCR4-NOT transcription complex subunit 7'
2 polymer 'CCR4-NOT transcription complex subunit 1'
3 polymer 'CCR4-NOT transcription complex subunit 6-like'
#
loop_
_entity_poly.entity_id
_entity_poly.type
_entity_poly.pdbx_seq_one_letter_code
_entity_poly.pdbx_strand_id
1 'polypeptide(L)'
;MPAATVDHSQRICEVWACNLDEEMKKIRQVIRKYNYVAMDTEFPGVVARPIGEFRSNADYQYQLLRCNVDLLKIIQLGLT
FMNEQGEYPPGTSTWQFNFKFNLTEDMYAQDSIELLTTSGIQFKKHEEEGIETQYFAELLMTSGVVLCEGVKWLSFHSGY
DFGYLIKILTNSNLPEEELDFFEILRLFFPVIYDVKYLMKSCKNLKGGLQEVAEQLELERIGPQHQAGSDSLLTGMAFFK
MREMFFEDHIDDAKYCGHLYGLGSGSSYVQNGTGNAYEEEANKQS
;
B
2 'polypeptide(L)'
;HMLEENIQEKIAFIFNNLSQSNMTQKVEELKETVKEEFMPWVSQYLVMKRVSIEPNFHSLYSNFLDTLKNPEFNKMVLNE
TYRNIKVLLTSDKAAANFSDRSLLKNLGHWLGMITLAKNKPILHTDLDVKSLLLEAYVKGQQELLYVVPFVAKVLESSIR
SVVFRPPNPWTMAIMNVLAELHQEHDLKLNLKFEIEVLCKNLALDINELKPGNLLKDKDRLKNLDEQLS
;
A
3 'polypeptide(L)'
;MRLIGMPKEKYDPPDPRRIYTIMSAEEVANGKKSHWAELEISGRVRSLSTSLWSLTHLTALHLNDNYLSRIPPDIAKLHN
LVYLDLSSNKLRSLPAELGNMVSLRELLLNNNLLRVLPYELGRLFQLQTLGLKGNPLSQDILNLYQDPDGTRKLLNFMLD
NLAVHPEQLPPRPWITLKERDQILPSASFTVMCYNVLCDKYATRQLYGYCPSWALNWEYRKKGIMEEIVNCDADIISLQE
VETEQYFTLFLPALKERGYDGFFSPKSRAKIMSEQERKHVDGCAIFFKTEKFTLVQKHTVEFNQVAMANSDGSEAMLNRV
MTKDNIGVAVVLEVHKELFGAGMKPIHAADKQLLIVANAHMHWDPEYSDVKLIQTMMFVSEVKNILEKASSRPGSPTADP
NSIPLVLCADLNSLPDSGVVEYLSNGGVADNHKDFKELRYNECLMNFSCNGKNGSSEGRITHGFQLKSAYENNLMPYTNY
TFDFKGVIDYIFYSKTHMNVLGVLGPLDPQWLVENNITGCPHPHIPSDHFSLLTQLELHPPLLPLVNGVHLPNRR
;
C
#
# COMPACT_ATOMS: atom_id res chain seq x y z
N GLN A 10 32.10 -5.35 3.69
CA GLN A 10 31.27 -4.25 3.23
C GLN A 10 30.26 -4.75 2.20
N ARG A 11 30.38 -6.02 1.82
CA ARG A 11 29.62 -6.55 0.69
C ARG A 11 28.12 -6.31 0.84
N ILE A 12 27.59 -6.47 2.05
CA ILE A 12 26.17 -6.26 2.32
C ILE A 12 26.04 -5.12 3.32
N CYS A 13 25.34 -4.07 2.93
CA CYS A 13 25.14 -2.88 3.75
C CYS A 13 23.80 -3.00 4.47
N GLU A 14 23.84 -3.17 5.78
CA GLU A 14 22.62 -3.17 6.57
C GLU A 14 22.09 -1.75 6.71
N VAL A 15 20.78 -1.60 6.53
CA VAL A 15 20.14 -0.29 6.44
C VAL A 15 19.04 -0.20 7.49
N TRP A 16 19.07 0.87 8.28
CA TRP A 16 18.08 1.13 9.31
C TRP A 16 17.45 2.50 9.08
N ALA A 17 16.53 2.88 9.99
CA ALA A 17 15.90 4.18 9.89
C ALA A 17 16.91 5.32 9.92
N CYS A 18 18.10 5.06 10.46
CA CYS A 18 19.18 6.03 10.47
C CYS A 18 19.77 6.20 9.08
N ASN A 19 20.55 5.22 8.63
CA ASN A 19 21.33 5.34 7.40
C ASN A 19 20.53 5.02 6.14
N LEU A 20 19.20 5.14 6.17
CA LEU A 20 18.42 4.83 4.97
C LEU A 20 18.70 5.82 3.85
N ASP A 21 18.61 7.11 4.15
CA ASP A 21 18.76 8.15 3.12
C ASP A 21 20.18 8.16 2.56
N GLU A 22 21.17 7.97 3.44
CA GLU A 22 22.57 7.92 3.01
C GLU A 22 22.78 6.89 1.91
N GLU A 23 22.32 5.65 2.16
CA GLU A 23 22.53 4.59 1.18
C GLU A 23 21.59 4.74 -0.02
N MET A 24 20.43 5.37 0.17
CA MET A 24 19.58 5.69 -0.98
C MET A 24 20.31 6.60 -1.96
N LYS A 25 21.11 7.53 -1.43
CA LYS A 25 21.92 8.38 -2.30
C LYS A 25 22.84 7.56 -3.20
N LYS A 26 23.45 6.51 -2.65
CA LYS A 26 24.30 5.64 -3.46
C LYS A 26 23.48 4.82 -4.45
N ILE A 27 22.35 4.29 -4.00
CA ILE A 27 21.56 3.39 -4.84
C ILE A 27 21.02 4.14 -6.05
N ARG A 28 20.67 5.42 -5.90
CA ARG A 28 20.26 6.19 -7.08
C ARG A 28 21.39 6.38 -8.08
N GLN A 29 22.63 6.03 -7.73
CA GLN A 29 23.74 6.08 -8.68
C GLN A 29 24.21 4.71 -9.15
N VAL A 30 24.00 3.65 -8.37
CA VAL A 30 24.36 2.34 -8.88
C VAL A 30 23.33 1.83 -9.87
N ILE A 31 22.07 2.26 -9.74
CA ILE A 31 21.03 1.83 -10.67
C ILE A 31 21.26 2.40 -12.07
N ARG A 32 22.11 3.43 -12.19
CA ARG A 32 22.48 3.93 -13.51
C ARG A 32 23.48 3.03 -14.21
N LYS A 33 24.32 2.32 -13.45
CA LYS A 33 25.33 1.45 -14.02
C LYS A 33 25.08 -0.03 -13.75
N TYR A 34 24.09 -0.36 -12.91
CA TYR A 34 23.79 -1.75 -12.58
C TYR A 34 22.27 -1.89 -12.49
N ASN A 35 21.65 -2.41 -13.55
CA ASN A 35 20.21 -2.39 -13.71
C ASN A 35 19.52 -3.69 -13.35
N TYR A 36 20.27 -4.76 -13.10
CA TYR A 36 19.67 -6.03 -12.71
C TYR A 36 19.60 -6.10 -11.19
N VAL A 37 18.42 -6.44 -10.67
CA VAL A 37 18.14 -6.37 -9.25
C VAL A 37 17.61 -7.72 -8.78
N ALA A 38 18.27 -8.31 -7.78
CA ALA A 38 17.86 -9.56 -7.16
C ALA A 38 17.28 -9.31 -5.78
N MET A 39 16.28 -10.12 -5.40
CA MET A 39 15.48 -9.80 -4.24
C MET A 39 14.95 -11.08 -3.58
N ASP A 40 14.85 -11.03 -2.25
CA ASP A 40 14.06 -11.97 -1.48
C ASP A 40 13.60 -11.25 -0.23
N THR A 41 12.49 -11.71 0.34
CA THR A 41 11.89 -11.06 1.50
C THR A 41 11.80 -12.03 2.67
N GLU A 42 11.79 -11.46 3.87
CA GLU A 42 11.50 -12.19 5.10
C GLU A 42 10.25 -11.58 5.71
N PHE A 43 9.34 -12.41 6.17
CA PHE A 43 8.06 -11.96 6.68
C PHE A 43 7.52 -13.01 7.64
N PRO A 44 6.53 -12.65 8.48
CA PRO A 44 6.09 -13.58 9.54
C PRO A 44 5.33 -14.81 9.04
N GLY A 45 5.62 -15.27 7.83
CA GLY A 45 4.99 -16.48 7.34
C GLY A 45 3.54 -16.26 6.93
N VAL A 46 2.74 -17.30 7.08
CA VAL A 46 1.31 -17.26 6.79
C VAL A 46 0.55 -17.64 8.05
N VAL A 47 -0.55 -16.95 8.30
CA VAL A 47 -1.33 -17.17 9.50
C VAL A 47 -2.75 -17.61 9.22
N ALA A 48 -3.27 -17.43 8.02
CA ALA A 48 -4.68 -17.68 7.79
C ALA A 48 -4.91 -18.35 6.45
N ARG A 49 -5.82 -19.32 6.44
CA ARG A 49 -6.37 -19.77 5.16
C ARG A 49 -7.52 -18.88 4.75
N PRO A 50 -7.65 -18.56 3.47
CA PRO A 50 -8.83 -17.83 3.02
C PRO A 50 -10.09 -18.67 3.08
N ILE A 51 -11.06 -18.32 2.25
CA ILE A 51 -12.45 -18.29 2.68
C ILE A 51 -13.39 -18.61 1.54
N GLY A 52 -14.30 -19.57 1.74
CA GLY A 52 -15.40 -19.78 0.81
C GLY A 52 -14.95 -19.98 -0.63
N GLU A 53 -13.73 -19.53 -0.90
CA GLU A 53 -12.91 -20.12 -1.93
C GLU A 53 -12.48 -21.49 -1.45
N PHE A 54 -12.24 -22.39 -2.39
CA PHE A 54 -11.81 -23.73 -2.04
C PHE A 54 -10.53 -24.02 -2.79
N ARG A 55 -9.86 -25.12 -2.42
CA ARG A 55 -8.61 -25.46 -3.08
C ARG A 55 -8.78 -25.83 -4.55
N SER A 56 -10.02 -25.80 -5.07
CA SER A 56 -10.31 -26.11 -6.45
C SER A 56 -10.34 -24.91 -7.38
N ASN A 57 -10.62 -23.71 -6.85
CA ASN A 57 -10.60 -22.51 -7.69
C ASN A 57 -9.23 -22.33 -8.33
N ALA A 58 -9.24 -21.90 -9.60
CA ALA A 58 -7.98 -21.77 -10.33
C ALA A 58 -7.02 -20.81 -9.64
N ASP A 59 -7.55 -19.71 -9.10
CA ASP A 59 -6.75 -18.63 -8.55
C ASP A 59 -6.64 -18.69 -7.02
N TYR A 60 -6.74 -19.88 -6.44
CA TYR A 60 -6.74 -19.98 -4.98
C TYR A 60 -5.41 -19.54 -4.39
N GLN A 61 -4.30 -19.89 -5.05
CA GLN A 61 -2.99 -19.50 -4.55
C GLN A 61 -2.91 -17.98 -4.37
N TYR A 62 -3.52 -17.23 -5.30
CA TYR A 62 -3.51 -15.78 -5.21
C TYR A 62 -4.23 -15.28 -3.97
N GLN A 63 -5.46 -15.76 -3.75
CA GLN A 63 -6.22 -15.28 -2.59
C GLN A 63 -5.55 -15.69 -1.29
N LEU A 64 -4.93 -16.88 -1.28
CA LEU A 64 -4.12 -17.26 -0.14
C LEU A 64 -2.99 -16.27 0.09
N LEU A 65 -2.38 -15.78 -0.99
CA LEU A 65 -1.34 -14.75 -0.87
C LEU A 65 -1.91 -13.45 -0.29
N ARG A 66 -3.02 -12.98 -0.87
CA ARG A 66 -3.62 -11.71 -0.46
C ARG A 66 -4.01 -11.72 1.01
N CYS A 67 -4.61 -12.82 1.46
CA CYS A 67 -5.07 -12.92 2.85
C CYS A 67 -3.93 -12.63 3.83
N ASN A 68 -2.79 -13.28 3.64
CA ASN A 68 -1.68 -13.13 4.58
C ASN A 68 -0.78 -11.94 4.29
N VAL A 69 -0.87 -11.33 3.11
CA VAL A 69 -0.08 -10.13 2.86
C VAL A 69 -0.79 -8.87 3.36
N ASP A 70 -2.09 -8.72 3.10
CA ASP A 70 -2.81 -7.60 3.68
C ASP A 70 -2.76 -7.64 5.20
N LEU A 71 -2.62 -8.82 5.77
CA LEU A 71 -2.74 -8.99 7.22
C LEU A 71 -1.42 -8.67 7.92
N LEU A 72 -0.31 -9.12 7.36
CA LEU A 72 0.99 -9.05 8.02
C LEU A 72 1.85 -7.94 7.40
N LYS A 73 2.99 -7.69 8.06
CA LYS A 73 3.94 -6.67 7.66
C LYS A 73 5.25 -7.32 7.25
N ILE A 74 5.99 -6.63 6.36
CA ILE A 74 7.27 -7.14 5.90
C ILE A 74 8.32 -6.96 7.00
N ILE A 75 9.30 -7.86 7.06
CA ILE A 75 10.35 -7.80 8.08
C ILE A 75 11.64 -7.32 7.44
N GLN A 76 12.09 -8.01 6.39
CA GLN A 76 13.35 -7.70 5.74
C GLN A 76 13.17 -7.61 4.23
N LEU A 77 13.99 -6.77 3.61
CA LEU A 77 14.10 -6.69 2.15
C LEU A 77 15.56 -6.74 1.77
N GLY A 78 15.91 -7.59 0.81
CA GLY A 78 17.28 -7.69 0.38
C GLY A 78 17.44 -7.40 -1.09
N LEU A 79 18.29 -6.46 -1.45
CA LEU A 79 18.45 -6.04 -2.84
C LEU A 79 19.90 -6.14 -3.26
N THR A 80 20.15 -6.87 -4.33
CA THR A 80 21.48 -7.04 -4.91
C THR A 80 21.48 -6.44 -6.31
N PHE A 81 22.49 -5.63 -6.61
CA PHE A 81 22.57 -4.92 -7.88
C PHE A 81 23.69 -5.53 -8.73
N MET A 82 23.36 -5.83 -9.99
CA MET A 82 24.31 -6.37 -10.95
C MET A 82 24.00 -5.79 -12.32
N ASN A 83 24.74 -6.26 -13.33
CA ASN A 83 24.60 -5.77 -14.69
C ASN A 83 24.38 -6.91 -15.68
N GLU A 84 24.48 -6.62 -16.97
CA GLU A 84 24.11 -7.60 -18.00
C GLU A 84 24.99 -8.85 -17.95
N GLN A 85 26.26 -8.70 -17.57
CA GLN A 85 27.21 -9.80 -17.61
C GLN A 85 27.41 -10.46 -16.25
N GLY A 86 26.64 -10.05 -15.23
CA GLY A 86 26.78 -10.65 -13.92
C GLY A 86 27.92 -10.11 -13.10
N GLU A 87 28.12 -8.80 -13.10
CA GLU A 87 29.15 -8.14 -12.31
C GLU A 87 28.50 -7.27 -11.25
N TYR A 88 29.25 -7.03 -10.17
CA TYR A 88 28.73 -6.26 -9.05
C TYR A 88 29.37 -4.87 -9.03
N PRO A 89 28.65 -3.87 -8.48
CA PRO A 89 29.30 -2.56 -8.34
C PRO A 89 30.39 -2.60 -7.29
N PRO A 90 31.35 -1.70 -7.40
CA PRO A 90 32.45 -1.71 -6.39
C PRO A 90 31.92 -1.36 -5.02
N GLY A 91 32.40 -2.08 -4.02
CA GLY A 91 31.98 -1.86 -2.65
C GLY A 91 30.73 -2.66 -2.32
N THR A 92 29.75 -1.99 -1.73
CA THR A 92 28.48 -2.63 -1.40
C THR A 92 27.73 -2.98 -2.68
N SER A 93 27.47 -4.27 -2.88
CA SER A 93 26.59 -4.69 -3.95
C SER A 93 25.19 -5.03 -3.46
N THR A 94 25.01 -5.19 -2.15
CA THR A 94 23.74 -5.60 -1.58
C THR A 94 23.36 -4.66 -0.44
N TRP A 95 22.07 -4.40 -0.32
CA TRP A 95 21.51 -3.64 0.79
C TRP A 95 20.43 -4.48 1.46
N GLN A 96 20.54 -4.62 2.78
CA GLN A 96 19.57 -5.36 3.59
C GLN A 96 18.76 -4.35 4.40
N PHE A 97 17.62 -3.94 3.84
CA PHE A 97 16.71 -3.05 4.53
C PHE A 97 15.94 -3.81 5.60
N ASN A 98 15.82 -3.19 6.77
CA ASN A 98 15.23 -3.82 7.95
C ASN A 98 14.12 -2.91 8.47
N PHE A 99 12.91 -3.46 8.58
CA PHE A 99 11.72 -2.66 8.82
C PHE A 99 11.28 -2.70 10.28
N LYS A 100 10.37 -1.80 10.62
CA LYS A 100 9.86 -1.70 11.99
C LYS A 100 8.83 -2.79 12.23
N PHE A 101 9.10 -3.67 13.19
CA PHE A 101 8.20 -4.78 13.52
C PHE A 101 8.16 -4.95 15.03
N ASN A 102 6.97 -4.89 15.61
CA ASN A 102 6.78 -5.02 17.05
C ASN A 102 6.11 -6.37 17.32
N LEU A 103 6.74 -7.18 18.17
CA LEU A 103 6.19 -8.49 18.49
C LEU A 103 4.98 -8.36 19.41
N THR A 104 5.03 -7.40 20.34
CA THR A 104 3.93 -7.19 21.28
C THR A 104 2.64 -6.78 20.58
N GLU A 105 2.73 -6.22 19.37
CA GLU A 105 1.57 -5.63 18.70
C GLU A 105 1.21 -6.27 17.36
N ASP A 106 2.13 -6.97 16.71
CA ASP A 106 1.90 -7.47 15.36
C ASP A 106 1.77 -8.99 15.37
N MET A 107 1.10 -9.52 14.35
CA MET A 107 0.87 -10.95 14.22
C MET A 107 2.09 -11.64 13.64
N TYR A 108 2.04 -12.98 13.68
CA TYR A 108 3.06 -13.85 13.12
C TYR A 108 2.80 -15.31 13.44
N ALA A 109 3.48 -16.21 12.72
CA ALA A 109 3.50 -17.61 13.07
C ALA A 109 4.66 -17.89 14.02
N GLN A 110 4.40 -18.69 15.06
CA GLN A 110 5.42 -19.11 16.02
C GLN A 110 6.71 -19.54 15.34
N ASP A 111 6.56 -20.55 14.47
CA ASP A 111 7.71 -21.23 13.89
C ASP A 111 8.58 -20.28 13.09
N SER A 112 7.94 -19.38 12.33
CA SER A 112 8.70 -18.48 11.49
C SER A 112 9.56 -17.53 12.31
N ILE A 113 9.03 -17.05 13.43
CA ILE A 113 9.80 -16.17 14.30
C ILE A 113 10.93 -16.92 14.97
N GLU A 114 10.68 -18.14 15.44
CA GLU A 114 11.79 -18.91 16.01
C GLU A 114 12.89 -19.14 14.98
N LEU A 115 12.50 -19.43 13.73
CA LEU A 115 13.49 -19.64 12.67
C LEU A 115 14.28 -18.36 12.39
N LEU A 116 13.59 -17.23 12.25
CA LEU A 116 14.27 -15.97 11.97
C LEU A 116 15.19 -15.57 13.11
N THR A 117 14.80 -15.88 14.34
CA THR A 117 15.66 -15.61 15.48
C THR A 117 16.91 -16.46 15.43
N THR A 118 16.75 -17.76 15.12
CA THR A 118 17.91 -18.63 14.97
C THR A 118 18.84 -18.14 13.87
N SER A 119 18.26 -17.61 12.77
CA SER A 119 19.09 -17.10 11.69
C SER A 119 19.92 -15.91 12.14
N GLY A 120 19.31 -14.98 12.86
CA GLY A 120 20.05 -13.84 13.38
C GLY A 120 19.34 -12.51 13.25
N ILE A 121 18.03 -12.51 13.50
CA ILE A 121 17.25 -11.27 13.46
C ILE A 121 17.16 -10.71 14.87
N GLN A 122 17.59 -9.46 15.02
CA GLN A 122 17.60 -8.78 16.32
C GLN A 122 16.27 -8.03 16.49
N PHE A 123 15.24 -8.78 16.90
CA PHE A 123 13.89 -8.25 16.88
C PHE A 123 13.74 -7.04 17.80
N LYS A 124 14.56 -6.93 18.85
CA LYS A 124 14.53 -5.76 19.72
C LYS A 124 15.08 -4.54 19.00
N LYS A 125 16.22 -4.70 18.31
CA LYS A 125 16.78 -3.61 17.53
C LYS A 125 15.84 -3.19 16.41
N HIS A 126 15.16 -4.16 15.79
CA HIS A 126 14.09 -3.85 14.84
C HIS A 126 13.02 -2.99 15.49
N GLU A 127 12.58 -3.39 16.70
CA GLU A 127 11.52 -2.67 17.39
C GLU A 127 11.90 -1.21 17.63
N GLU A 128 13.14 -0.96 18.03
CA GLU A 128 13.49 0.42 18.38
C GLU A 128 13.94 1.26 17.18
N GLU A 129 14.61 0.68 16.18
CA GLU A 129 15.30 1.48 15.17
C GLU A 129 14.89 1.11 13.75
N GLY A 130 13.77 0.42 13.57
CA GLY A 130 13.40 -0.07 12.26
C GLY A 130 12.93 1.03 11.33
N ILE A 131 13.03 0.73 10.03
CA ILE A 131 12.52 1.62 9.00
C ILE A 131 11.01 1.48 8.91
N GLU A 132 10.32 2.61 8.74
CA GLU A 132 8.89 2.57 8.45
C GLU A 132 8.69 2.33 6.96
N THR A 133 7.73 1.46 6.64
CA THR A 133 7.59 0.97 5.27
C THR A 133 7.16 2.08 4.31
N GLN A 134 6.27 2.96 4.74
CA GLN A 134 5.63 3.88 3.81
C GLN A 134 6.58 4.98 3.37
N TYR A 135 7.51 5.38 4.25
CA TYR A 135 8.53 6.34 3.83
C TYR A 135 9.54 5.70 2.89
N PHE A 136 9.92 4.44 3.16
CA PHE A 136 10.71 3.70 2.19
C PHE A 136 10.02 3.65 0.84
N ALA A 137 8.68 3.58 0.82
CA ALA A 137 7.95 3.65 -0.43
C ALA A 137 8.09 5.03 -1.08
N GLU A 138 7.88 6.08 -0.29
CA GLU A 138 8.05 7.45 -0.79
C GLU A 138 9.41 7.64 -1.42
N LEU A 139 10.43 6.95 -0.91
CA LEU A 139 11.77 7.07 -1.49
C LEU A 139 11.95 6.19 -2.72
N LEU A 140 11.65 4.89 -2.59
CA LEU A 140 11.86 3.96 -3.69
C LEU A 140 11.05 4.34 -4.92
N MET A 141 9.95 5.06 -4.74
CA MET A 141 9.14 5.53 -5.85
C MET A 141 9.98 6.28 -6.86
N THR A 142 10.51 7.43 -6.45
CA THR A 142 11.27 8.31 -7.33
C THR A 142 12.75 7.96 -7.38
N SER A 143 13.08 6.66 -7.38
CA SER A 143 14.48 6.26 -7.33
C SER A 143 14.99 5.72 -8.65
N GLY A 144 14.10 5.24 -9.52
CA GLY A 144 14.49 4.55 -10.73
C GLY A 144 14.52 3.04 -10.59
N VAL A 145 14.45 2.53 -9.36
CA VAL A 145 14.45 1.08 -9.16
C VAL A 145 13.11 0.49 -9.56
N VAL A 146 12.04 1.25 -9.43
CA VAL A 146 10.72 0.79 -9.81
C VAL A 146 10.15 1.73 -10.87
N LEU A 147 9.13 1.23 -11.57
CA LEU A 147 8.33 1.99 -12.52
C LEU A 147 9.09 2.39 -13.79
N CYS A 148 10.42 2.27 -13.78
CA CYS A 148 11.23 2.74 -14.90
C CYS A 148 11.61 1.58 -15.80
N GLU A 149 11.47 1.77 -17.11
CA GLU A 149 11.80 0.73 -18.07
C GLU A 149 13.30 0.53 -18.16
N GLY A 150 13.70 -0.72 -18.39
CA GLY A 150 15.10 -1.08 -18.49
C GLY A 150 15.58 -1.97 -17.36
N VAL A 151 15.05 -1.75 -16.16
CA VAL A 151 15.41 -2.58 -15.01
C VAL A 151 14.78 -3.96 -15.17
N LYS A 152 15.52 -4.99 -14.77
CA LYS A 152 15.04 -6.37 -14.83
C LYS A 152 15.15 -6.96 -13.44
N TRP A 153 14.02 -7.39 -12.89
CA TRP A 153 13.98 -7.91 -11.53
C TRP A 153 14.14 -9.42 -11.54
N LEU A 154 14.96 -9.94 -10.63
CA LEU A 154 15.15 -11.36 -10.44
C LEU A 154 14.58 -11.77 -9.08
N SER A 155 14.02 -12.98 -9.01
CA SER A 155 13.42 -13.40 -7.76
C SER A 155 13.39 -14.92 -7.69
N PHE A 156 12.94 -15.44 -6.55
CA PHE A 156 12.85 -16.88 -6.32
C PHE A 156 11.58 -17.19 -5.53
N HIS A 157 10.64 -17.88 -6.21
CA HIS A 157 9.46 -18.44 -5.57
C HIS A 157 8.75 -17.37 -4.75
N SER A 158 8.46 -16.27 -5.44
CA SER A 158 8.37 -14.95 -4.81
C SER A 158 7.00 -14.31 -4.99
N GLY A 159 5.94 -15.11 -5.03
CA GLY A 159 4.62 -14.52 -5.04
C GLY A 159 4.40 -13.61 -3.84
N TYR A 160 4.82 -14.06 -2.66
CA TYR A 160 4.62 -13.27 -1.46
C TYR A 160 5.60 -12.10 -1.40
N ASP A 161 6.82 -12.28 -1.92
CA ASP A 161 7.79 -11.20 -1.92
C ASP A 161 7.25 -9.99 -2.66
N PHE A 162 6.83 -10.19 -3.91
CA PHE A 162 6.21 -9.11 -4.66
C PHE A 162 4.87 -8.68 -4.07
N GLY A 163 4.14 -9.61 -3.43
CA GLY A 163 2.91 -9.21 -2.77
C GLY A 163 3.15 -8.14 -1.73
N TYR A 164 4.18 -8.34 -0.90
CA TYR A 164 4.53 -7.32 0.10
C TYR A 164 5.06 -6.06 -0.56
N LEU A 165 5.87 -6.19 -1.61
CA LEU A 165 6.34 -4.99 -2.31
C LEU A 165 5.17 -4.15 -2.80
N ILE A 166 4.15 -4.79 -3.38
CA ILE A 166 2.99 -4.05 -3.86
C ILE A 166 2.19 -3.48 -2.69
N LYS A 167 2.00 -4.27 -1.62
CA LYS A 167 1.34 -3.76 -0.43
C LYS A 167 1.98 -2.47 0.05
N ILE A 168 3.31 -2.43 0.04
CA ILE A 168 4.00 -1.25 0.56
C ILE A 168 3.93 -0.09 -0.43
N LEU A 169 4.12 -0.37 -1.72
CA LEU A 169 4.19 0.71 -2.70
C LEU A 169 2.83 1.33 -2.98
N THR A 170 1.74 0.59 -2.80
CA THR A 170 0.42 1.14 -3.03
C THR A 170 -0.19 1.78 -1.79
N ASN A 171 0.32 1.47 -0.60
CA ASN A 171 -0.26 1.93 0.66
C ASN A 171 -1.73 1.51 0.74
N SER A 172 -2.04 0.32 0.22
CA SER A 172 -3.40 -0.19 0.18
C SER A 172 -3.37 -1.71 0.18
N ASN A 173 -4.51 -2.30 0.50
CA ASN A 173 -4.66 -3.74 0.43
C ASN A 173 -4.62 -4.19 -1.02
N LEU A 174 -4.10 -5.41 -1.24
CA LEU A 174 -4.01 -5.95 -2.59
C LEU A 174 -5.39 -6.01 -3.24
N PRO A 175 -5.46 -5.82 -4.56
CA PRO A 175 -6.76 -5.89 -5.24
C PRO A 175 -7.42 -7.26 -5.05
N GLU A 176 -8.73 -7.28 -5.29
CA GLU A 176 -9.53 -8.43 -4.90
C GLU A 176 -9.39 -9.62 -5.86
N GLU A 177 -8.93 -9.41 -7.09
CA GLU A 177 -8.82 -10.48 -8.07
C GLU A 177 -7.40 -10.59 -8.60
N GLU A 178 -7.04 -11.80 -9.03
CA GLU A 178 -5.67 -12.08 -9.45
C GLU A 178 -5.25 -11.29 -10.69
N LEU A 179 -6.22 -10.83 -11.48
CA LEU A 179 -5.91 -10.16 -12.74
C LEU A 179 -5.36 -8.75 -12.49
N ASP A 180 -6.07 -7.97 -11.67
CA ASP A 180 -5.66 -6.60 -11.39
C ASP A 180 -4.28 -6.56 -10.72
N PHE A 181 -3.98 -7.60 -9.91
CA PHE A 181 -2.70 -7.64 -9.21
C PHE A 181 -1.55 -7.70 -10.20
N PHE A 182 -1.62 -8.62 -11.17
CA PHE A 182 -0.60 -8.67 -12.21
C PHE A 182 -0.56 -7.38 -13.01
N GLU A 183 -1.71 -6.76 -13.26
CA GLU A 183 -1.72 -5.48 -13.97
C GLU A 183 -0.81 -4.46 -13.29
N ILE A 184 -1.18 -4.09 -12.05
CA ILE A 184 -0.40 -3.09 -11.33
C ILE A 184 1.03 -3.58 -11.12
N LEU A 185 1.21 -4.91 -11.09
CA LEU A 185 2.54 -5.46 -10.83
C LEU A 185 3.46 -5.22 -12.02
N ARG A 186 3.03 -5.58 -13.23
CA ARG A 186 3.84 -5.23 -14.40
C ARG A 186 4.11 -3.74 -14.46
N LEU A 187 3.15 -2.89 -14.03
CA LEU A 187 3.45 -1.46 -13.98
C LEU A 187 4.66 -1.16 -13.09
N PHE A 188 4.65 -1.64 -11.84
CA PHE A 188 5.81 -1.37 -10.99
C PHE A 188 7.06 -2.15 -11.40
N PHE A 189 6.89 -3.34 -11.96
CA PHE A 189 8.01 -4.21 -12.30
C PHE A 189 7.79 -4.76 -13.71
N PRO A 190 8.18 -4.00 -14.74
CA PRO A 190 7.91 -4.45 -16.11
C PRO A 190 8.56 -5.78 -16.47
N VAL A 191 9.71 -6.10 -15.88
CA VAL A 191 10.44 -7.31 -16.23
C VAL A 191 10.73 -8.07 -14.94
N ILE A 192 10.26 -9.32 -14.88
CA ILE A 192 10.50 -10.18 -13.72
C ILE A 192 10.88 -11.57 -14.21
N TYR A 193 11.94 -12.13 -13.62
CA TYR A 193 12.36 -13.50 -13.85
C TYR A 193 12.35 -14.23 -12.52
N ASP A 194 11.37 -15.11 -12.34
CA ASP A 194 11.31 -15.96 -11.16
C ASP A 194 12.12 -17.22 -11.45
N VAL A 195 13.26 -17.36 -10.77
CA VAL A 195 14.14 -18.50 -11.00
C VAL A 195 13.37 -19.80 -10.79
N LYS A 196 12.46 -19.82 -9.82
CA LYS A 196 11.68 -21.01 -9.53
C LYS A 196 10.78 -21.39 -10.71
N TYR A 197 10.37 -20.42 -11.53
CA TYR A 197 9.58 -20.75 -12.71
C TYR A 197 10.46 -21.13 -13.91
N LEU A 198 11.61 -20.46 -14.06
CA LEU A 198 12.53 -20.83 -15.13
C LEU A 198 13.07 -22.24 -14.93
N MET A 199 13.11 -22.72 -13.68
CA MET A 199 13.52 -24.08 -13.41
C MET A 199 12.55 -25.10 -14.01
N LYS A 200 11.31 -24.70 -14.32
CA LYS A 200 10.32 -25.57 -14.97
C LYS A 200 10.67 -25.88 -16.42
N SER A 201 11.87 -25.50 -16.88
CA SER A 201 12.38 -25.89 -18.18
C SER A 201 13.81 -26.39 -18.11
N CYS A 202 14.32 -26.68 -16.90
CA CYS A 202 15.69 -27.11 -16.68
C CYS A 202 15.64 -28.50 -16.06
N LYS A 203 15.94 -29.52 -16.86
CA LYS A 203 15.95 -30.88 -16.36
C LYS A 203 17.01 -31.04 -15.27
N ASN A 204 16.61 -31.69 -14.18
CA ASN A 204 17.50 -31.99 -13.05
C ASN A 204 17.84 -30.73 -12.24
N LEU A 205 16.87 -29.83 -12.09
CA LEU A 205 16.91 -28.80 -11.05
C LEU A 205 15.59 -28.78 -10.31
N LYS A 206 15.67 -28.88 -8.99
CA LYS A 206 14.49 -28.76 -8.14
C LYS A 206 14.97 -28.49 -6.72
N GLY A 207 14.09 -27.90 -5.91
CA GLY A 207 14.36 -27.67 -4.51
C GLY A 207 14.26 -26.21 -4.14
N GLY A 208 14.38 -25.97 -2.84
CA GLY A 208 14.40 -24.61 -2.32
C GLY A 208 15.64 -23.86 -2.75
N LEU A 209 15.72 -22.61 -2.30
CA LEU A 209 16.82 -21.74 -2.72
C LEU A 209 18.18 -22.33 -2.33
N GLN A 210 18.29 -22.88 -1.12
CA GLN A 210 19.58 -23.38 -0.64
C GLN A 210 19.97 -24.68 -1.35
N GLU A 211 19.00 -25.56 -1.60
CA GLU A 211 19.30 -26.79 -2.31
C GLU A 211 19.80 -26.51 -3.72
N VAL A 212 19.13 -25.59 -4.42
CA VAL A 212 19.58 -25.18 -5.75
C VAL A 212 20.95 -24.52 -5.68
N ALA A 213 21.19 -23.73 -4.64
CA ALA A 213 22.49 -23.09 -4.47
C ALA A 213 23.59 -24.13 -4.31
N GLU A 214 23.31 -25.21 -3.59
CA GLU A 214 24.29 -26.28 -3.45
C GLU A 214 24.48 -27.04 -4.74
N GLN A 215 23.43 -27.17 -5.55
CA GLN A 215 23.58 -27.86 -6.83
C GLN A 215 24.42 -27.04 -7.80
N LEU A 216 24.29 -25.71 -7.78
CA LEU A 216 24.98 -24.85 -8.75
C LEU A 216 26.39 -24.46 -8.32
N GLU A 217 26.94 -25.03 -7.24
CA GLU A 217 28.29 -24.69 -6.79
C GLU A 217 28.48 -23.21 -6.52
N LEU A 218 27.43 -22.55 -6.02
CA LEU A 218 27.59 -21.18 -5.59
C LEU A 218 28.06 -21.12 -4.14
N GLU A 219 28.69 -20.01 -3.78
CA GLU A 219 29.11 -19.78 -2.40
C GLU A 219 28.23 -18.71 -1.79
N ARG A 220 27.58 -19.06 -0.69
CA ARG A 220 26.65 -18.16 -0.04
C ARG A 220 27.44 -17.14 0.76
N ILE A 221 27.26 -15.86 0.44
CA ILE A 221 27.93 -14.79 1.17
C ILE A 221 26.92 -14.16 2.10
N GLY A 222 27.18 -14.22 3.41
CA GLY A 222 26.30 -13.63 4.38
C GLY A 222 25.46 -14.65 5.13
N PRO A 223 24.63 -14.16 6.04
CA PRO A 223 23.85 -15.08 6.91
C PRO A 223 22.69 -15.71 6.16
N GLN A 224 22.52 -17.01 6.37
CA GLN A 224 21.45 -17.75 5.70
C GLN A 224 20.08 -17.30 6.20
N HIS A 225 19.09 -17.39 5.32
CA HIS A 225 17.68 -17.12 5.60
C HIS A 225 17.41 -15.66 5.90
N GLN A 226 18.37 -14.77 5.62
CA GLN A 226 18.17 -13.34 5.70
C GLN A 226 18.09 -12.75 4.29
N ALA A 227 17.34 -11.66 4.17
CA ALA A 227 16.90 -11.20 2.85
C ALA A 227 18.09 -10.81 1.96
N GLY A 228 19.06 -10.10 2.52
CA GLY A 228 20.18 -9.64 1.70
C GLY A 228 20.99 -10.79 1.14
N SER A 229 21.33 -11.76 2.00
CA SER A 229 22.12 -12.89 1.54
C SER A 229 21.32 -13.77 0.58
N ASP A 230 20.03 -13.97 0.86
CA ASP A 230 19.19 -14.72 -0.08
C ASP A 230 19.14 -14.03 -1.44
N SER A 231 19.11 -12.70 -1.46
CA SER A 231 19.06 -11.99 -2.74
C SER A 231 20.39 -12.10 -3.49
N LEU A 232 21.50 -11.96 -2.77
CA LEU A 232 22.81 -12.12 -3.41
C LEU A 232 22.98 -13.53 -3.97
N LEU A 233 22.57 -14.53 -3.20
CA LEU A 233 22.63 -15.91 -3.69
C LEU A 233 21.68 -16.12 -4.85
N THR A 234 20.52 -15.46 -4.83
CA THR A 234 19.60 -15.54 -5.95
C THR A 234 20.23 -15.00 -7.22
N GLY A 235 20.98 -13.89 -7.10
CA GLY A 235 21.65 -13.35 -8.27
C GLY A 235 22.75 -14.26 -8.78
N MET A 236 23.55 -14.83 -7.86
CA MET A 236 24.53 -15.83 -8.27
C MET A 236 23.85 -16.99 -9.01
N ALA A 237 22.73 -17.47 -8.47
CA ALA A 237 22.02 -18.57 -9.11
C ALA A 237 21.52 -18.18 -10.49
N PHE A 238 20.98 -16.97 -10.63
CA PHE A 238 20.48 -16.52 -11.92
C PHE A 238 21.59 -16.50 -12.96
N PHE A 239 22.69 -15.80 -12.66
CA PHE A 239 23.74 -15.66 -13.67
C PHE A 239 24.54 -16.94 -13.86
N LYS A 240 24.48 -17.87 -12.91
CA LYS A 240 25.14 -19.16 -13.11
C LYS A 240 24.27 -20.08 -13.95
N MET A 241 22.95 -19.99 -13.77
CA MET A 241 22.01 -20.84 -14.49
C MET A 241 21.79 -20.36 -15.92
N ARG A 242 21.85 -19.04 -16.14
CA ARG A 242 21.60 -18.52 -17.48
C ARG A 242 22.67 -18.99 -18.46
N GLU A 243 23.94 -18.90 -18.07
CA GLU A 243 25.02 -19.36 -18.92
C GLU A 243 25.04 -20.87 -19.08
N MET A 244 24.29 -21.58 -18.25
CA MET A 244 24.34 -23.03 -18.18
C MET A 244 23.22 -23.72 -18.95
N PHE A 245 21.97 -23.35 -18.67
CA PHE A 245 20.80 -23.95 -19.28
C PHE A 245 20.24 -23.13 -20.43
N PHE A 246 20.24 -21.80 -20.31
CA PHE A 246 19.58 -20.92 -21.25
C PHE A 246 20.54 -20.31 -22.26
N GLU A 247 21.81 -20.75 -22.27
CA GLU A 247 22.80 -20.31 -23.24
C GLU A 247 23.00 -18.79 -23.18
N ASP A 248 22.97 -18.24 -21.96
CA ASP A 248 23.24 -16.83 -21.70
C ASP A 248 22.22 -15.91 -22.38
N HIS A 249 20.95 -16.31 -22.35
CA HIS A 249 19.85 -15.43 -22.74
C HIS A 249 18.54 -16.08 -22.34
N ILE A 250 17.53 -15.25 -22.09
CA ILE A 250 16.22 -15.71 -21.65
C ILE A 250 15.17 -15.09 -22.55
N ASP A 251 14.34 -15.93 -23.16
CA ASP A 251 13.22 -15.45 -23.95
C ASP A 251 12.24 -14.70 -23.05
N ASP A 252 12.00 -13.42 -23.37
CA ASP A 252 11.04 -12.64 -22.60
C ASP A 252 9.64 -13.24 -22.70
N ALA A 253 9.20 -13.54 -23.92
CA ALA A 253 7.86 -14.07 -24.12
C ALA A 253 7.62 -15.39 -23.39
N LYS A 254 8.68 -16.14 -23.11
CA LYS A 254 8.50 -17.47 -22.53
C LYS A 254 8.65 -17.50 -21.02
N TYR A 255 9.31 -16.50 -20.41
CA TYR A 255 9.60 -16.56 -18.99
C TYR A 255 9.46 -15.24 -18.23
N CYS A 256 9.17 -14.13 -18.89
CA CYS A 256 9.11 -12.84 -18.20
C CYS A 256 7.80 -12.70 -17.45
N GLY A 257 7.88 -12.54 -16.13
CA GLY A 257 6.72 -12.20 -15.32
C GLY A 257 5.88 -13.35 -14.85
N HIS A 258 6.29 -14.59 -15.08
CA HIS A 258 5.53 -15.76 -14.63
C HIS A 258 5.95 -16.08 -13.20
N LEU A 259 5.18 -15.57 -12.23
CA LEU A 259 5.44 -15.88 -10.84
C LEU A 259 5.08 -17.33 -10.55
N TYR A 260 6.00 -18.05 -9.92
CA TYR A 260 5.77 -19.46 -9.63
C TYR A 260 4.58 -19.62 -8.69
N GLY A 261 3.79 -20.66 -8.93
CA GLY A 261 2.60 -20.93 -8.16
C GLY A 261 1.41 -20.07 -8.48
N LEU A 262 1.62 -18.96 -9.19
CA LEU A 262 0.53 -18.08 -9.59
C LEU A 262 0.12 -18.37 -11.03
N GLY A 263 -1.14 -18.02 -11.34
CA GLY A 263 -1.78 -18.35 -12.60
C GLY A 263 -1.04 -17.91 -13.85
N SER A 264 -0.11 -16.95 -13.74
CA SER A 264 0.65 -16.50 -14.91
C SER A 264 1.69 -17.54 -15.27
N GLY A 265 1.59 -18.09 -16.48
CA GLY A 265 2.54 -19.08 -16.94
C GLY A 265 2.23 -20.50 -16.56
N SER A 266 0.94 -20.84 -16.41
CA SER A 266 0.56 -22.20 -16.02
C SER A 266 1.06 -23.24 -17.01
N GLY A 274 2.67 -26.98 -6.87
CA GLY A 274 2.37 -25.70 -7.47
C GLY A 274 1.80 -24.69 -6.49
N ASN A 275 2.56 -24.40 -5.44
CA ASN A 275 2.16 -23.44 -4.42
C ASN A 275 3.02 -22.19 -4.50
N ALA A 276 2.41 -21.04 -4.19
CA ALA A 276 3.06 -19.75 -4.36
C ALA A 276 3.90 -19.33 -3.16
N TYR A 277 3.69 -19.96 -2.00
CA TYR A 277 4.40 -19.59 -0.78
C TYR A 277 5.75 -20.26 -0.71
N GLU A 278 6.78 -19.47 -0.40
CA GLU A 278 8.17 -19.94 -0.31
C GLU A 278 8.28 -20.84 0.91
N GLU A 279 7.80 -22.08 0.74
CA GLU A 279 7.85 -23.08 1.80
C GLU A 279 9.28 -23.57 2.00
N GLU A 280 9.61 -23.88 3.26
CA GLU A 280 10.95 -24.36 3.60
C GLU A 280 11.14 -25.82 3.18
N HIS B 1 15.01 30.90 -34.20
CA HIS B 1 16.37 31.29 -33.84
C HIS B 1 17.22 30.06 -33.51
N MET B 2 16.57 29.00 -33.06
CA MET B 2 17.28 27.75 -32.74
C MET B 2 17.55 26.90 -33.98
N LEU B 3 16.94 27.22 -35.11
CA LEU B 3 17.16 26.50 -36.36
C LEU B 3 17.11 27.49 -37.51
N GLU B 4 17.69 27.09 -38.65
CA GLU B 4 17.51 27.85 -39.88
C GLU B 4 16.03 28.09 -40.11
N GLU B 5 15.70 29.30 -40.59
CA GLU B 5 14.31 29.66 -40.80
C GLU B 5 13.59 28.64 -41.68
N ASN B 6 14.29 28.13 -42.70
CA ASN B 6 13.75 27.08 -43.55
C ASN B 6 13.57 25.77 -42.78
N ILE B 7 14.45 25.50 -41.82
CA ILE B 7 14.28 24.35 -40.95
C ILE B 7 13.37 24.67 -39.75
N GLN B 8 13.21 25.95 -39.42
CA GLN B 8 12.35 26.35 -38.31
C GLN B 8 10.87 26.22 -38.67
N GLU B 9 10.43 26.96 -39.69
CA GLU B 9 8.99 26.95 -39.97
C GLU B 9 8.53 25.56 -40.41
N LYS B 10 9.45 24.70 -40.85
CA LYS B 10 9.05 23.38 -41.34
C LYS B 10 8.48 22.55 -40.21
N ILE B 11 9.23 22.41 -39.11
CA ILE B 11 8.70 21.76 -37.93
C ILE B 11 7.62 22.61 -37.28
N ALA B 12 7.60 23.92 -37.56
CA ALA B 12 6.50 24.74 -37.06
C ALA B 12 5.17 24.33 -37.67
N PHE B 13 5.16 24.08 -38.98
CA PHE B 13 3.92 23.68 -39.66
C PHE B 13 3.36 22.36 -39.14
N ILE B 14 4.22 21.46 -38.68
CA ILE B 14 3.73 20.19 -38.14
C ILE B 14 2.82 20.46 -36.95
N PHE B 15 3.28 21.30 -36.02
CA PHE B 15 2.56 21.53 -34.77
C PHE B 15 1.54 22.66 -34.88
N ASN B 16 1.65 23.50 -35.91
CA ASN B 16 0.72 24.62 -36.08
C ASN B 16 -0.71 24.13 -36.15
N ASN B 17 -0.96 23.17 -37.03
CA ASN B 17 -2.28 22.59 -37.22
C ASN B 17 -2.23 21.15 -36.75
N LEU B 18 -2.98 20.86 -35.68
CA LEU B 18 -2.99 19.52 -35.09
C LEU B 18 -4.36 19.26 -34.48
N SER B 19 -4.82 18.01 -34.55
CA SER B 19 -6.12 17.64 -34.03
C SER B 19 -6.14 16.13 -33.81
N GLN B 20 -7.32 15.60 -33.47
CA GLN B 20 -7.45 14.17 -33.22
C GLN B 20 -7.34 13.37 -34.52
N SER B 21 -8.05 13.81 -35.56
CA SER B 21 -8.13 13.02 -36.79
C SER B 21 -6.81 13.07 -37.56
N ASN B 22 -6.23 14.27 -37.71
CA ASN B 22 -4.99 14.42 -38.46
C ASN B 22 -3.76 13.98 -37.67
N MET B 23 -3.96 13.28 -36.55
CA MET B 23 -2.84 12.91 -35.69
C MET B 23 -1.84 12.03 -36.44
N THR B 24 -2.31 10.89 -36.95
CA THR B 24 -1.44 9.96 -37.66
C THR B 24 -0.73 10.64 -38.83
N GLN B 25 -1.46 11.49 -39.56
CA GLN B 25 -0.86 12.22 -40.68
C GLN B 25 0.32 13.04 -40.20
N LYS B 26 0.08 14.03 -39.32
CA LYS B 26 1.16 14.89 -38.86
C LYS B 26 2.32 14.11 -38.25
N VAL B 27 2.05 12.96 -37.63
CA VAL B 27 3.15 12.12 -37.16
C VAL B 27 4.01 11.65 -38.32
N GLU B 28 3.38 11.13 -39.37
CA GLU B 28 4.16 10.68 -40.51
C GLU B 28 4.82 11.87 -41.20
N GLU B 29 4.09 12.99 -41.28
CA GLU B 29 4.67 14.21 -41.81
C GLU B 29 5.93 14.58 -41.03
N LEU B 30 5.94 14.33 -39.71
CA LEU B 30 7.17 14.67 -39.01
C LEU B 30 8.27 13.70 -39.42
N LYS B 31 7.91 12.40 -39.50
CA LYS B 31 8.88 11.35 -39.69
C LYS B 31 9.62 11.39 -41.03
N GLU B 32 9.00 11.91 -42.09
CA GLU B 32 9.77 11.92 -43.34
C GLU B 32 10.21 13.32 -43.86
N THR B 33 9.86 14.49 -43.20
CA THR B 33 10.50 15.81 -43.47
C THR B 33 11.69 16.12 -42.57
N VAL B 34 11.66 15.67 -41.34
CA VAL B 34 12.58 16.15 -40.32
C VAL B 34 13.61 15.06 -40.11
N LYS B 35 14.86 15.38 -40.40
CA LYS B 35 15.92 14.41 -40.25
C LYS B 35 16.02 13.98 -38.80
N GLU B 36 16.40 12.72 -38.61
CA GLU B 36 16.38 12.16 -37.26
C GLU B 36 17.44 12.78 -36.36
N GLU B 37 18.23 13.73 -36.87
CA GLU B 37 19.17 14.47 -36.05
C GLU B 37 18.65 15.82 -35.60
N PHE B 38 17.65 16.40 -36.27
CA PHE B 38 17.02 17.61 -35.77
C PHE B 38 16.05 17.33 -34.63
N MET B 39 15.93 16.08 -34.21
CA MET B 39 15.00 15.74 -33.13
C MET B 39 15.30 16.44 -31.82
N PRO B 40 16.55 16.69 -31.43
CA PRO B 40 16.77 17.57 -30.27
C PRO B 40 16.19 18.95 -30.45
N TRP B 41 16.28 19.53 -31.66
CA TRP B 41 15.74 20.87 -31.85
C TRP B 41 14.23 20.86 -32.06
N VAL B 42 13.65 19.77 -32.59
CA VAL B 42 12.20 19.68 -32.59
C VAL B 42 11.68 19.48 -31.17
N SER B 43 12.45 18.78 -30.34
CA SER B 43 12.13 18.67 -28.92
C SER B 43 12.17 20.04 -28.25
N GLN B 44 13.25 20.79 -28.49
CA GLN B 44 13.35 22.15 -27.96
C GLN B 44 12.20 23.02 -28.47
N TYR B 45 11.84 22.89 -29.74
CA TYR B 45 10.74 23.66 -30.30
C TYR B 45 9.44 23.34 -29.60
N LEU B 46 9.14 22.04 -29.43
CA LEU B 46 7.89 21.64 -28.81
C LEU B 46 7.81 22.10 -27.35
N VAL B 47 8.89 21.92 -26.59
CA VAL B 47 8.87 22.28 -25.18
C VAL B 47 8.83 23.80 -25.02
N MET B 48 9.82 24.49 -25.60
CA MET B 48 9.98 25.92 -25.39
C MET B 48 8.87 26.71 -26.09
N LYS B 49 8.72 26.51 -27.40
CA LYS B 49 7.91 27.38 -28.23
C LYS B 49 6.44 26.97 -28.28
N ARG B 50 6.07 25.84 -27.69
CA ARG B 50 4.72 25.33 -27.88
C ARG B 50 4.07 24.94 -26.55
N VAL B 51 4.70 24.01 -25.82
CA VAL B 51 4.12 23.51 -24.58
C VAL B 51 4.12 24.60 -23.51
N SER B 52 5.17 25.42 -23.49
CA SER B 52 5.36 26.38 -22.40
C SER B 52 4.27 27.43 -22.33
N ILE B 53 3.60 27.71 -23.45
CA ILE B 53 2.63 28.80 -23.53
C ILE B 53 1.21 28.29 -23.71
N GLU B 54 1.03 27.05 -24.16
CA GLU B 54 -0.25 26.56 -24.65
C GLU B 54 -0.64 25.34 -23.83
N PRO B 55 -1.19 25.54 -22.62
CA PRO B 55 -1.62 24.37 -21.83
C PRO B 55 -2.79 23.64 -22.48
N ASN B 56 -3.62 24.36 -23.21
CA ASN B 56 -4.85 23.79 -23.75
C ASN B 56 -4.56 22.58 -24.63
N PHE B 57 -3.63 22.74 -25.57
CA PHE B 57 -3.27 21.68 -26.50
C PHE B 57 -2.36 20.63 -25.88
N HIS B 58 -2.04 20.73 -24.59
CA HIS B 58 -1.18 19.74 -23.95
C HIS B 58 -1.66 18.32 -24.26
N SER B 59 -2.96 18.08 -24.08
CA SER B 59 -3.56 16.79 -24.41
C SER B 59 -3.10 16.32 -25.78
N LEU B 60 -3.31 17.14 -26.81
CA LEU B 60 -2.88 16.78 -28.16
C LEU B 60 -1.40 16.45 -28.18
N TYR B 61 -0.57 17.32 -27.59
CA TYR B 61 0.87 17.10 -27.61
C TYR B 61 1.26 15.81 -26.90
N SER B 62 0.37 15.25 -26.07
CA SER B 62 0.62 13.94 -25.50
C SER B 62 0.29 12.85 -26.51
N ASN B 63 -0.90 12.92 -27.12
CA ASN B 63 -1.30 11.90 -28.10
C ASN B 63 -0.25 11.74 -29.19
N PHE B 64 0.29 12.85 -29.68
CA PHE B 64 1.36 12.82 -30.66
C PHE B 64 2.50 11.91 -30.20
N LEU B 65 3.01 12.16 -28.99
CA LEU B 65 4.08 11.32 -28.46
C LEU B 65 3.61 9.88 -28.33
N ASP B 66 2.34 9.68 -27.95
CA ASP B 66 1.79 8.32 -27.92
C ASP B 66 1.67 7.76 -29.33
N THR B 67 1.35 8.60 -30.31
CA THR B 67 1.25 8.12 -31.68
C THR B 67 2.64 7.89 -32.27
N LEU B 68 3.61 8.74 -31.93
CA LEU B 68 4.93 8.64 -32.55
C LEU B 68 5.66 7.38 -32.13
N LYS B 69 5.46 6.93 -30.89
CA LYS B 69 6.02 5.67 -30.40
C LYS B 69 7.55 5.68 -30.50
N ASN B 70 8.17 6.82 -30.23
CA ASN B 70 9.62 6.95 -30.29
C ASN B 70 10.17 7.27 -28.91
N PRO B 71 10.94 6.37 -28.30
CA PRO B 71 11.33 6.55 -26.90
C PRO B 71 12.48 7.53 -26.68
N GLU B 72 13.51 7.45 -27.52
CA GLU B 72 14.63 8.39 -27.40
C GLU B 72 14.14 9.83 -27.46
N PHE B 73 13.14 10.09 -28.31
CA PHE B 73 12.59 11.42 -28.43
C PHE B 73 11.84 11.81 -27.17
N ASN B 74 11.05 10.90 -26.61
CA ASN B 74 10.35 11.19 -25.35
C ASN B 74 11.35 11.51 -24.24
N LYS B 75 12.50 10.84 -24.24
CA LYS B 75 13.53 11.12 -23.24
C LYS B 75 14.15 12.50 -23.43
N MET B 76 14.46 12.85 -24.69
CA MET B 76 14.93 14.21 -24.98
C MET B 76 13.91 15.25 -24.51
N VAL B 77 12.62 14.97 -24.71
CA VAL B 77 11.57 15.90 -24.29
C VAL B 77 11.57 16.06 -22.77
N LEU B 78 11.68 14.92 -22.06
CA LEU B 78 11.75 14.97 -20.61
C LEU B 78 12.92 15.83 -20.14
N ASN B 79 14.09 15.64 -20.75
CA ASN B 79 15.27 16.38 -20.33
C ASN B 79 15.13 17.87 -20.64
N GLU B 80 14.53 18.21 -21.78
CA GLU B 80 14.32 19.61 -22.11
C GLU B 80 13.36 20.28 -21.13
N THR B 81 12.28 19.58 -20.76
CA THR B 81 11.36 20.10 -19.75
C THR B 81 12.08 20.35 -18.44
N TYR B 82 12.86 19.36 -17.98
CA TYR B 82 13.64 19.51 -16.76
C TYR B 82 14.55 20.74 -16.83
N ARG B 83 15.24 20.92 -17.96
CA ARG B 83 16.18 22.02 -18.09
C ARG B 83 15.48 23.37 -18.05
N ASN B 84 14.36 23.51 -18.77
CA ASN B 84 13.64 24.77 -18.76
C ASN B 84 13.11 25.09 -17.37
N ILE B 85 12.65 24.07 -16.65
CA ILE B 85 12.14 24.31 -15.30
C ILE B 85 13.28 24.73 -14.38
N LYS B 86 14.45 24.08 -14.51
CA LYS B 86 15.63 24.49 -13.74
C LYS B 86 15.96 25.95 -14.02
N VAL B 87 15.84 26.38 -15.27
CA VAL B 87 16.10 27.77 -15.63
C VAL B 87 15.15 28.69 -14.88
N LEU B 88 13.86 28.36 -14.89
CA LEU B 88 12.90 29.25 -14.22
C LEU B 88 13.05 29.25 -12.70
N LEU B 89 13.48 28.14 -12.10
CA LEU B 89 13.56 28.09 -10.64
C LEU B 89 14.75 28.88 -10.09
N THR B 90 15.82 29.03 -10.88
CA THR B 90 17.00 29.77 -10.46
C THR B 90 17.10 31.15 -11.09
N SER B 91 16.06 31.60 -11.77
CA SER B 91 16.08 32.93 -12.37
C SER B 91 15.88 33.99 -11.29
N ASP B 92 16.27 35.22 -11.63
CA ASP B 92 16.01 36.36 -10.75
C ASP B 92 14.51 36.62 -10.72
N LYS B 93 13.88 36.28 -9.61
CA LYS B 93 12.44 36.42 -9.48
C LYS B 93 12.07 37.84 -9.10
N ALA B 94 10.81 38.19 -9.34
CA ALA B 94 10.30 39.52 -9.01
C ALA B 94 8.78 39.47 -8.91
N ALA B 95 8.21 40.47 -8.23
CA ALA B 95 6.77 40.58 -8.12
C ALA B 95 6.11 40.94 -9.45
N ALA B 96 6.90 41.22 -10.48
CA ALA B 96 6.36 41.53 -11.81
C ALA B 96 6.50 40.40 -12.81
N ASN B 97 7.40 39.44 -12.56
CA ASN B 97 7.62 38.33 -13.50
C ASN B 97 6.44 37.38 -13.53
N PHE B 98 5.32 37.80 -14.13
CA PHE B 98 4.19 36.90 -14.31
C PHE B 98 4.41 35.94 -15.48
N SER B 99 5.13 36.38 -16.50
CA SER B 99 5.43 35.52 -17.64
C SER B 99 6.18 34.28 -17.20
N ASP B 100 7.22 34.46 -16.37
CA ASP B 100 8.06 33.34 -15.96
C ASP B 100 7.26 32.35 -15.11
N ARG B 101 6.44 32.85 -14.19
CA ARG B 101 5.59 31.97 -13.38
C ARG B 101 4.57 31.20 -14.21
N SER B 102 3.96 31.86 -15.20
CA SER B 102 3.00 31.16 -16.03
C SER B 102 3.68 30.06 -16.83
N LEU B 103 4.86 30.38 -17.40
CA LEU B 103 5.65 29.35 -18.07
C LEU B 103 5.94 28.19 -17.14
N LEU B 104 6.30 28.49 -15.88
CA LEU B 104 6.62 27.43 -14.92
C LEU B 104 5.40 26.57 -14.62
N LYS B 105 4.23 27.19 -14.46
CA LYS B 105 3.02 26.43 -14.20
C LYS B 105 2.72 25.47 -15.35
N ASN B 106 2.81 25.96 -16.59
CA ASN B 106 2.53 25.09 -17.72
C ASN B 106 3.57 23.99 -17.85
N LEU B 107 4.85 24.30 -17.62
CA LEU B 107 5.89 23.28 -17.66
C LEU B 107 5.65 22.22 -16.61
N GLY B 108 5.19 22.62 -15.42
CA GLY B 108 4.83 21.67 -14.39
C GLY B 108 3.75 20.74 -14.84
N HIS B 109 2.61 21.31 -15.26
CA HIS B 109 1.51 20.54 -15.81
C HIS B 109 1.98 19.50 -16.83
N TRP B 110 2.80 19.95 -17.78
CA TRP B 110 3.36 19.06 -18.78
C TRP B 110 4.17 17.93 -18.15
N LEU B 111 5.06 18.26 -17.21
CA LEU B 111 5.87 17.25 -16.55
C LEU B 111 4.99 16.22 -15.84
N GLY B 112 3.91 16.69 -15.22
CA GLY B 112 2.99 15.77 -14.58
C GLY B 112 2.32 14.84 -15.57
N MET B 113 2.06 15.34 -16.78
CA MET B 113 1.44 14.48 -17.79
C MET B 113 2.41 13.48 -18.42
N ILE B 114 3.68 13.85 -18.58
CA ILE B 114 4.61 12.93 -19.23
C ILE B 114 5.22 11.92 -18.26
N THR B 115 5.19 12.19 -16.95
CA THR B 115 5.75 11.27 -15.98
C THR B 115 4.65 10.52 -15.24
N LEU B 116 3.93 11.24 -14.37
CA LEU B 116 2.97 10.58 -13.50
C LEU B 116 1.85 9.94 -14.29
N ALA B 117 1.26 10.67 -15.24
CA ALA B 117 0.12 10.13 -15.99
C ALA B 117 0.51 8.89 -16.78
N LYS B 118 1.79 8.78 -17.16
CA LYS B 118 2.28 7.62 -17.89
C LYS B 118 2.79 6.53 -16.97
N ASN B 119 2.50 6.61 -15.67
CA ASN B 119 3.01 5.67 -14.67
C ASN B 119 4.54 5.65 -14.67
N LYS B 120 5.14 6.83 -14.54
CA LYS B 120 6.58 7.00 -14.48
C LYS B 120 6.90 8.03 -13.40
N PRO B 121 7.93 7.80 -12.60
CA PRO B 121 8.22 8.71 -11.48
C PRO B 121 8.97 9.96 -11.92
N ILE B 122 9.02 10.92 -11.01
CA ILE B 122 9.85 12.11 -11.16
C ILE B 122 11.09 11.88 -10.30
N LEU B 123 12.19 11.49 -10.95
CA LEU B 123 13.34 10.94 -10.23
C LEU B 123 13.92 11.94 -9.24
N HIS B 124 14.37 11.42 -8.11
CA HIS B 124 14.98 12.26 -7.08
C HIS B 124 16.26 12.91 -7.57
N THR B 125 16.95 12.27 -8.52
CA THR B 125 18.11 12.89 -9.15
C THR B 125 17.72 13.96 -10.15
N ASP B 126 16.50 13.88 -10.69
CA ASP B 126 16.02 14.90 -11.62
C ASP B 126 15.39 16.08 -10.89
N LEU B 127 14.57 15.80 -9.86
CA LEU B 127 13.87 16.86 -9.14
C LEU B 127 13.32 16.34 -7.81
N ASP B 128 13.49 17.11 -6.74
CA ASP B 128 13.00 16.76 -5.41
C ASP B 128 11.85 17.69 -5.07
N VAL B 129 10.62 17.17 -5.10
CA VAL B 129 9.44 18.02 -4.94
C VAL B 129 9.32 18.49 -3.50
N LYS B 130 9.33 17.55 -2.56
CA LYS B 130 9.20 17.85 -1.14
C LYS B 130 10.23 18.88 -0.70
N SER B 131 11.49 18.65 -1.08
CA SER B 131 12.56 19.57 -0.73
C SER B 131 12.34 20.92 -1.39
N LEU B 132 11.82 20.94 -2.61
CA LEU B 132 11.52 22.21 -3.28
C LEU B 132 10.49 23.00 -2.49
N LEU B 133 9.44 22.32 -2.00
CA LEU B 133 8.43 23.00 -1.19
C LEU B 133 9.02 23.58 0.08
N LEU B 134 9.82 22.79 0.80
CA LEU B 134 10.38 23.26 2.06
C LEU B 134 11.35 24.42 1.83
N GLU B 135 12.14 24.34 0.76
CA GLU B 135 13.05 25.43 0.40
C GLU B 135 12.27 26.70 0.05
N ALA B 136 11.18 26.56 -0.70
CA ALA B 136 10.37 27.72 -1.01
C ALA B 136 9.79 28.35 0.24
N TYR B 137 9.43 27.53 1.23
CA TYR B 137 8.94 28.08 2.49
C TYR B 137 10.03 28.90 3.18
N VAL B 138 11.25 28.35 3.27
CA VAL B 138 12.28 29.08 3.99
C VAL B 138 12.73 30.32 3.23
N LYS B 139 12.56 30.36 1.91
CA LYS B 139 13.06 31.48 1.13
C LYS B 139 12.05 32.61 0.94
N GLY B 140 10.83 32.46 1.44
CA GLY B 140 9.88 33.55 1.47
C GLY B 140 8.60 33.24 0.70
N GLN B 141 7.69 34.21 0.73
CA GLN B 141 6.41 34.05 0.04
C GLN B 141 6.57 34.06 -1.47
N GLN B 142 7.59 34.77 -1.98
CA GLN B 142 7.80 34.86 -3.42
C GLN B 142 8.11 33.48 -4.01
N GLU B 143 9.05 32.77 -3.39
CA GLU B 143 9.35 31.42 -3.83
C GLU B 143 8.16 30.49 -3.67
N LEU B 144 7.32 30.75 -2.67
CA LEU B 144 6.10 29.94 -2.51
C LEU B 144 5.15 30.15 -3.67
N LEU B 145 4.91 31.41 -4.04
CA LEU B 145 4.04 31.69 -5.20
C LEU B 145 4.65 31.18 -6.50
N TYR B 146 5.97 31.07 -6.57
CA TYR B 146 6.59 30.41 -7.72
C TYR B 146 6.34 28.90 -7.71
N VAL B 147 6.44 28.26 -6.54
CA VAL B 147 6.54 26.80 -6.47
C VAL B 147 5.17 26.14 -6.36
N VAL B 148 4.32 26.63 -5.46
CA VAL B 148 3.07 25.96 -5.13
C VAL B 148 2.15 25.75 -6.33
N PRO B 149 1.82 26.77 -7.14
CA PRO B 149 0.96 26.50 -8.30
C PRO B 149 1.60 25.60 -9.34
N PHE B 150 2.92 25.41 -9.27
CA PHE B 150 3.64 24.50 -10.14
C PHE B 150 3.49 23.05 -9.67
N VAL B 151 3.69 22.83 -8.37
CA VAL B 151 3.50 21.51 -7.81
C VAL B 151 2.04 21.10 -7.91
N ALA B 152 1.12 22.05 -7.82
CA ALA B 152 -0.29 21.72 -8.02
C ALA B 152 -0.52 21.15 -9.41
N LYS B 153 0.07 21.78 -10.42
CA LYS B 153 -0.14 21.32 -11.79
C LYS B 153 0.57 20.01 -12.07
N VAL B 154 1.65 19.70 -11.34
CA VAL B 154 2.21 18.36 -11.55
C VAL B 154 1.34 17.31 -10.87
N LEU B 155 0.82 17.60 -9.68
CA LEU B 155 0.08 16.58 -8.94
C LEU B 155 -1.34 16.39 -9.45
N GLU B 156 -1.89 17.34 -10.20
CA GLU B 156 -3.21 17.14 -10.78
C GLU B 156 -3.25 15.90 -11.67
N SER B 157 -2.12 15.53 -12.27
CA SER B 157 -2.07 14.36 -13.14
C SER B 157 -2.04 13.04 -12.38
N SER B 158 -1.85 13.07 -11.06
CA SER B 158 -1.75 11.82 -10.31
C SER B 158 -3.05 11.03 -10.32
N ILE B 159 -4.19 11.67 -10.60
CA ILE B 159 -5.46 10.98 -10.49
C ILE B 159 -5.70 10.03 -11.66
N ARG B 160 -5.20 10.36 -12.86
CA ARG B 160 -5.44 9.52 -14.03
C ARG B 160 -4.50 8.32 -14.11
N SER B 161 -3.55 8.20 -13.18
CA SER B 161 -2.61 7.09 -13.14
C SER B 161 -2.97 6.20 -11.96
N VAL B 162 -3.22 4.92 -12.24
CA VAL B 162 -3.56 3.98 -11.17
C VAL B 162 -2.45 3.93 -10.13
N VAL B 163 -1.21 4.22 -10.53
CA VAL B 163 -0.07 4.23 -9.64
C VAL B 163 -0.17 5.38 -8.66
N PHE B 164 0.12 6.59 -9.13
CA PHE B 164 0.19 7.76 -8.26
C PHE B 164 -1.17 8.25 -7.80
N ARG B 165 -2.25 7.58 -8.18
CA ARG B 165 -3.56 7.88 -7.63
C ARG B 165 -3.52 7.73 -6.11
N PRO B 166 -4.26 8.56 -5.37
CA PRO B 166 -4.38 8.34 -3.93
C PRO B 166 -4.84 6.93 -3.65
N PRO B 167 -4.36 6.31 -2.57
CA PRO B 167 -3.43 6.88 -1.59
C PRO B 167 -1.95 6.52 -1.81
N ASN B 168 -1.38 6.95 -2.92
CA ASN B 168 0.02 6.63 -3.21
C ASN B 168 0.93 7.31 -2.18
N PRO B 169 1.83 6.56 -1.53
CA PRO B 169 2.61 7.16 -0.43
C PRO B 169 3.43 8.38 -0.81
N TRP B 170 4.02 8.41 -2.01
CA TRP B 170 4.78 9.59 -2.42
C TRP B 170 3.85 10.77 -2.71
N THR B 171 2.77 10.50 -3.46
CA THR B 171 1.76 11.51 -3.73
C THR B 171 1.19 12.06 -2.43
N MET B 172 0.81 11.16 -1.52
CA MET B 172 0.27 11.61 -0.24
C MET B 172 1.31 12.32 0.60
N ALA B 173 2.60 12.01 0.43
CA ALA B 173 3.63 12.74 1.17
C ALA B 173 3.72 14.19 0.73
N ILE B 174 3.76 14.40 -0.59
CA ILE B 174 3.74 15.77 -1.10
C ILE B 174 2.46 16.47 -0.68
N MET B 175 1.34 15.75 -0.69
CA MET B 175 0.08 16.33 -0.23
C MET B 175 0.13 16.70 1.24
N ASN B 176 0.82 15.92 2.06
CA ASN B 176 0.95 16.25 3.47
C ASN B 176 1.80 17.49 3.67
N VAL B 177 2.85 17.64 2.86
CA VAL B 177 3.62 18.88 2.93
C VAL B 177 2.74 20.07 2.56
N LEU B 178 1.96 19.94 1.49
CA LEU B 178 1.07 21.01 1.08
C LEU B 178 0.01 21.31 2.14
N ALA B 179 -0.45 20.28 2.87
CA ALA B 179 -1.46 20.50 3.90
C ALA B 179 -0.86 21.17 5.12
N GLU B 180 0.36 20.76 5.50
CA GLU B 180 1.11 21.46 6.53
C GLU B 180 1.30 22.93 6.16
N LEU B 181 1.44 23.21 4.86
CA LEU B 181 1.52 24.60 4.41
C LEU B 181 0.18 25.31 4.56
N HIS B 182 -0.92 24.64 4.15
CA HIS B 182 -2.24 25.27 4.14
C HIS B 182 -2.68 25.78 5.50
N GLN B 183 -2.06 25.31 6.59
CA GLN B 183 -2.49 25.68 7.93
C GLN B 183 -1.82 26.95 8.47
N GLU B 184 -0.73 27.42 7.87
CA GLU B 184 -0.14 28.69 8.27
C GLU B 184 -1.18 29.80 8.21
N HIS B 185 -1.02 30.79 9.09
CA HIS B 185 -1.90 31.95 9.09
C HIS B 185 -1.51 32.99 8.06
N ASP B 186 -0.22 33.15 7.77
CA ASP B 186 0.25 34.18 6.85
C ASP B 186 0.49 33.66 5.43
N LEU B 187 0.05 32.44 5.11
CA LEU B 187 0.16 31.98 3.74
C LEU B 187 -0.80 32.75 2.86
N LYS B 188 -0.33 33.15 1.67
CA LYS B 188 -1.14 33.96 0.79
C LYS B 188 -2.43 33.24 0.43
N LEU B 189 -3.51 34.01 0.29
CA LEU B 189 -4.85 33.44 0.17
C LEU B 189 -4.99 32.58 -1.10
N ASN B 190 -4.45 33.08 -2.22
CA ASN B 190 -4.61 32.33 -3.47
C ASN B 190 -3.91 30.99 -3.41
N LEU B 191 -2.86 30.87 -2.60
CA LEU B 191 -2.15 29.59 -2.51
C LEU B 191 -2.95 28.59 -1.69
N LYS B 192 -3.60 29.04 -0.61
CA LYS B 192 -4.56 28.20 0.10
C LYS B 192 -5.66 27.73 -0.85
N PHE B 193 -6.16 28.66 -1.67
CA PHE B 193 -7.13 28.30 -2.71
C PHE B 193 -6.57 27.24 -3.65
N GLU B 194 -5.34 27.44 -4.13
CA GLU B 194 -4.70 26.53 -5.07
C GLU B 194 -4.63 25.13 -4.47
N ILE B 195 -4.28 25.06 -3.19
CA ILE B 195 -4.14 23.78 -2.49
C ILE B 195 -5.51 23.11 -2.36
N GLU B 196 -6.52 23.86 -1.94
CA GLU B 196 -7.86 23.29 -1.81
C GLU B 196 -8.36 22.76 -3.15
N VAL B 197 -8.07 23.48 -4.23
CA VAL B 197 -8.48 23.05 -5.56
C VAL B 197 -7.75 21.77 -5.95
N LEU B 198 -6.47 21.65 -5.60
CA LEU B 198 -5.77 20.40 -5.86
C LEU B 198 -6.39 19.24 -5.09
N CYS B 199 -6.74 19.48 -3.82
CA CYS B 199 -7.40 18.44 -3.03
C CYS B 199 -8.68 17.97 -3.71
N LYS B 200 -9.47 18.91 -4.21
CA LYS B 200 -10.68 18.52 -4.93
C LYS B 200 -10.34 17.76 -6.20
N ASN B 201 -9.31 18.21 -6.92
CA ASN B 201 -8.94 17.58 -8.19
C ASN B 201 -8.48 16.14 -8.01
N LEU B 202 -7.98 15.78 -6.82
CA LEU B 202 -7.53 14.42 -6.58
C LEU B 202 -8.51 13.63 -5.72
N ALA B 203 -9.73 14.13 -5.55
CA ALA B 203 -10.79 13.45 -4.79
C ALA B 203 -10.33 13.14 -3.37
N LEU B 204 -9.94 14.21 -2.66
CA LEU B 204 -9.41 14.09 -1.32
C LEU B 204 -10.00 15.17 -0.44
N ASP B 205 -10.13 14.86 0.85
CA ASP B 205 -10.58 15.82 1.85
C ASP B 205 -9.35 16.47 2.46
N ILE B 206 -9.26 17.79 2.35
CA ILE B 206 -8.12 18.53 2.88
C ILE B 206 -8.01 18.38 4.39
N ASN B 207 -9.11 18.02 5.07
CA ASN B 207 -9.08 17.84 6.51
C ASN B 207 -8.63 16.44 6.92
N GLU B 208 -8.97 15.42 6.13
CA GLU B 208 -8.53 14.07 6.43
C GLU B 208 -7.05 13.83 6.14
N LEU B 209 -6.37 14.79 5.53
CA LEU B 209 -4.92 14.70 5.34
C LEU B 209 -4.23 14.71 6.70
N LYS B 210 -2.96 14.27 6.70
CA LYS B 210 -2.15 14.10 7.90
C LYS B 210 -0.94 15.02 7.83
N PRO B 211 -1.10 16.29 8.20
CA PRO B 211 0.05 17.21 8.17
C PRO B 211 1.16 16.75 9.10
N GLY B 212 2.40 17.02 8.68
CA GLY B 212 3.55 16.74 9.49
C GLY B 212 3.99 17.94 10.29
N ASN B 213 5.19 17.84 10.85
CA ASN B 213 5.82 18.96 11.56
C ASN B 213 7.17 19.28 10.92
N LEU B 214 7.20 19.26 9.59
CA LEU B 214 8.44 19.50 8.86
C LEU B 214 8.84 20.96 8.90
N LEU B 215 7.87 21.87 9.02
CA LEU B 215 8.15 23.30 8.97
C LEU B 215 8.69 23.84 10.28
N LYS B 216 8.56 23.10 11.38
CA LYS B 216 9.10 23.52 12.67
C LYS B 216 10.45 22.89 12.95
N ASP B 217 11.01 22.15 11.99
CA ASP B 217 12.29 21.48 12.23
C ASP B 217 13.43 22.47 12.36
N LYS B 218 13.37 23.60 11.64
CA LYS B 218 14.36 24.67 11.71
C LYS B 218 15.76 24.18 11.33
N ASP B 219 16.27 23.21 12.09
CA ASP B 219 17.58 22.65 11.78
C ASP B 219 17.58 22.00 10.39
N ARG B 220 16.59 21.15 10.11
CA ARG B 220 16.51 20.51 8.79
C ARG B 220 16.34 21.53 7.67
N LEU B 221 15.53 22.56 7.91
CA LEU B 221 15.32 23.60 6.90
C LEU B 221 16.61 24.33 6.56
N LYS B 222 17.56 24.38 7.51
CA LYS B 222 18.83 25.03 7.25
C LYS B 222 19.77 24.15 6.42
N ASN B 223 19.43 22.88 6.20
CA ASN B 223 20.32 21.95 5.53
C ASN B 223 19.68 21.34 4.29
N LEU B 224 18.85 22.12 3.60
CA LEU B 224 18.24 21.64 2.36
C LEU B 224 19.17 21.88 1.19
N ASP B 225 19.15 20.95 0.23
CA ASP B 225 19.92 21.12 -1.00
C ASP B 225 19.21 22.14 -1.89
N GLU B 226 19.86 23.27 -2.13
CA GLU B 226 19.20 24.40 -2.76
C GLU B 226 18.90 24.10 -4.22
N GLN B 227 17.62 24.00 -4.56
CA GLN B 227 17.18 23.94 -5.95
C GLN B 227 16.78 25.31 -6.49
N LEU B 228 16.63 26.31 -5.63
CA LEU B 228 16.29 27.66 -6.03
C LEU B 228 17.52 28.55 -5.95
N SER B 229 17.38 29.76 -6.48
CA SER B 229 18.47 30.73 -6.47
C SER B 229 18.64 31.32 -5.07
N ALA C 37 -16.80 -15.72 3.31
CA ALA C 37 -17.57 -15.47 4.52
C ALA C 37 -17.05 -16.15 5.83
N GLU C 38 -15.99 -16.97 5.75
CA GLU C 38 -15.49 -17.76 6.89
C GLU C 38 -13.96 -17.77 6.91
N LEU C 39 -13.35 -17.07 7.86
CA LEU C 39 -11.90 -17.04 8.02
C LEU C 39 -11.46 -17.84 9.24
N GLU C 40 -10.34 -18.55 9.10
CA GLU C 40 -9.76 -19.36 10.18
C GLU C 40 -8.26 -19.09 10.21
N ILE C 41 -7.83 -18.26 11.15
CA ILE C 41 -6.44 -17.85 11.29
C ILE C 41 -5.76 -18.79 12.27
N SER C 42 -4.69 -19.46 11.82
CA SER C 42 -3.99 -20.42 12.67
C SER C 42 -2.51 -20.05 12.78
N GLY C 43 -1.79 -20.82 13.59
CA GLY C 43 -0.39 -20.60 13.79
C GLY C 43 -0.03 -19.77 15.00
N ARG C 44 -0.82 -19.84 16.09
CA ARG C 44 -0.44 -19.27 17.38
C ARG C 44 -0.23 -17.76 17.32
N VAL C 45 -1.32 -17.05 17.01
CA VAL C 45 -1.36 -15.59 16.97
C VAL C 45 -1.58 -14.95 18.32
N ARG C 46 -0.50 -14.57 18.95
CA ARG C 46 -0.32 -13.51 19.95
C ARG C 46 -1.33 -12.38 19.92
N SER C 47 -1.21 -11.43 19.00
CA SER C 47 -2.11 -10.29 18.97
C SER C 47 -2.57 -10.01 17.55
N LEU C 48 -3.83 -9.61 17.39
CA LEU C 48 -4.44 -9.39 16.09
C LEU C 48 -4.23 -7.94 15.61
N SER C 49 -4.18 -7.76 14.30
CA SER C 49 -4.03 -6.43 13.72
C SER C 49 -5.39 -5.83 13.40
N THR C 50 -5.39 -4.72 12.67
CA THR C 50 -6.59 -3.97 12.35
C THR C 50 -7.02 -4.08 10.90
N SER C 51 -6.28 -4.81 10.07
CA SER C 51 -6.76 -5.10 8.72
C SER C 51 -7.85 -6.16 8.69
N LEU C 52 -8.06 -6.88 9.80
CA LEU C 52 -8.98 -8.00 9.88
C LEU C 52 -10.38 -7.38 9.90
N TRP C 53 -10.95 -7.09 11.08
CA TRP C 53 -11.24 -5.69 11.40
C TRP C 53 -11.61 -4.70 10.28
N SER C 54 -11.40 -5.08 9.00
CA SER C 54 -11.78 -4.23 7.88
C SER C 54 -12.49 -5.00 6.78
N LEU C 55 -12.65 -6.31 6.91
CA LEU C 55 -13.25 -7.14 5.86
C LEU C 55 -14.67 -7.46 6.29
N THR C 56 -15.56 -6.48 6.08
CA THR C 56 -16.94 -6.61 6.54
C THR C 56 -17.67 -7.78 5.88
N HIS C 57 -17.28 -8.15 4.65
CA HIS C 57 -17.97 -9.21 3.91
C HIS C 57 -17.96 -10.54 4.67
N LEU C 58 -17.14 -10.66 5.70
CA LEU C 58 -17.05 -11.90 6.46
C LEU C 58 -18.31 -12.17 7.25
N THR C 59 -18.93 -13.32 7.00
CA THR C 59 -20.07 -13.75 7.80
C THR C 59 -19.67 -14.74 8.88
N ALA C 60 -18.39 -15.07 9.00
CA ALA C 60 -17.89 -15.97 10.02
C ALA C 60 -16.38 -15.81 10.13
N LEU C 61 -15.86 -16.04 11.33
CA LEU C 61 -14.44 -15.86 11.63
C LEU C 61 -14.04 -16.83 12.72
N HIS C 62 -12.94 -17.55 12.51
CA HIS C 62 -12.43 -18.52 13.48
C HIS C 62 -11.03 -18.10 13.92
N LEU C 63 -10.78 -18.14 15.23
CA LEU C 63 -9.49 -17.78 15.80
C LEU C 63 -9.00 -18.87 16.75
N ASN C 64 -9.36 -20.12 16.47
CA ASN C 64 -9.01 -21.24 17.32
C ASN C 64 -7.50 -21.53 17.25
N ASP C 65 -7.01 -22.15 18.33
CA ASP C 65 -5.61 -22.57 18.46
C ASP C 65 -4.65 -21.42 18.16
N ASN C 66 -4.72 -20.39 19.01
CA ASN C 66 -3.82 -19.25 18.92
C ASN C 66 -3.44 -18.81 20.33
N TYR C 67 -2.55 -17.82 20.41
CA TYR C 67 -2.10 -17.29 21.69
C TYR C 67 -2.64 -15.89 21.93
N LEU C 68 -3.91 -15.69 21.61
CA LEU C 68 -4.56 -14.40 21.79
C LEU C 68 -4.68 -14.06 23.27
N SER C 69 -4.35 -12.81 23.62
CA SER C 69 -4.49 -12.33 24.99
C SER C 69 -5.85 -11.70 25.23
N ARG C 70 -6.36 -10.99 24.22
CA ARG C 70 -7.67 -10.34 24.25
C ARG C 70 -8.08 -10.03 22.82
N ILE C 71 -9.31 -9.58 22.66
CA ILE C 71 -9.92 -9.30 21.37
C ILE C 71 -10.17 -7.80 21.28
N PRO C 72 -9.51 -7.08 20.38
CA PRO C 72 -9.74 -5.65 20.24
C PRO C 72 -11.22 -5.34 20.08
N PRO C 73 -11.73 -4.33 20.77
CA PRO C 73 -13.16 -3.98 20.65
C PRO C 73 -13.58 -3.68 19.23
N ASP C 74 -12.63 -3.48 18.32
CA ASP C 74 -12.84 -3.11 16.94
C ASP C 74 -13.47 -4.23 16.12
N ILE C 75 -13.73 -5.39 16.75
CA ILE C 75 -14.37 -6.52 16.10
C ILE C 75 -15.78 -6.18 15.63
N ALA C 76 -16.36 -5.10 16.16
CA ALA C 76 -17.73 -4.74 15.82
C ALA C 76 -17.90 -4.40 14.35
N LYS C 77 -16.85 -3.90 13.69
CA LYS C 77 -16.93 -3.62 12.26
C LYS C 77 -17.56 -4.76 11.49
N LEU C 78 -17.03 -5.97 11.68
CA LEU C 78 -17.48 -7.16 10.96
C LEU C 78 -18.91 -7.52 11.41
N HIS C 79 -19.87 -6.75 10.90
CA HIS C 79 -21.26 -6.94 11.31
C HIS C 79 -21.88 -8.21 10.77
N ASN C 80 -21.35 -8.74 9.66
CA ASN C 80 -21.89 -9.96 9.08
C ASN C 80 -21.47 -11.22 9.82
N LEU C 81 -20.39 -11.18 10.62
CA LEU C 81 -20.10 -12.21 11.61
C LEU C 81 -21.30 -12.93 12.18
N VAL C 82 -21.43 -14.19 11.80
CA VAL C 82 -22.40 -15.10 12.40
C VAL C 82 -21.72 -16.19 13.23
N TYR C 83 -20.44 -16.51 12.98
CA TYR C 83 -19.82 -17.58 13.72
C TYR C 83 -18.38 -17.23 14.06
N LEU C 84 -18.06 -17.42 15.34
CA LEU C 84 -16.82 -16.90 15.94
C LEU C 84 -16.14 -17.91 16.86
N ASP C 85 -15.23 -18.72 16.32
CA ASP C 85 -14.62 -19.80 17.08
C ASP C 85 -13.41 -19.24 17.85
N LEU C 86 -13.71 -18.52 18.93
CA LEU C 86 -12.67 -17.99 19.81
C LEU C 86 -12.25 -19.01 20.85
N SER C 87 -12.43 -20.29 20.53
CA SER C 87 -12.03 -21.34 21.47
C SER C 87 -10.52 -21.57 21.38
N SER C 88 -10.01 -22.34 22.34
CA SER C 88 -8.60 -22.73 22.39
C SER C 88 -7.68 -21.51 22.43
N ASN C 89 -8.06 -20.51 23.22
CA ASN C 89 -7.29 -19.28 23.36
C ASN C 89 -6.97 -19.06 24.85
N LYS C 90 -6.43 -17.88 25.16
CA LYS C 90 -6.04 -17.51 26.52
C LYS C 90 -6.70 -16.21 26.93
N LEU C 91 -7.94 -16.01 26.50
CA LEU C 91 -8.64 -14.76 26.75
C LEU C 91 -9.02 -14.66 28.22
N ARG C 92 -8.46 -13.66 28.91
CA ARG C 92 -8.78 -13.45 30.32
C ARG C 92 -10.07 -12.66 30.49
N SER C 93 -10.41 -11.78 29.54
CA SER C 93 -11.61 -10.97 29.65
C SER C 93 -12.07 -10.57 28.25
N LEU C 94 -13.33 -10.85 27.93
CA LEU C 94 -13.87 -10.57 26.61
C LEU C 94 -14.16 -9.08 26.47
N PRO C 95 -14.03 -8.53 25.27
CA PRO C 95 -14.41 -7.13 25.07
C PRO C 95 -15.91 -6.94 25.25
N ALA C 96 -16.28 -5.81 25.84
CA ALA C 96 -17.70 -5.52 26.05
C ALA C 96 -18.42 -5.23 24.74
N GLU C 97 -17.70 -4.73 23.74
CA GLU C 97 -18.31 -4.43 22.45
C GLU C 97 -18.72 -5.69 21.70
N LEU C 98 -18.17 -6.84 22.07
CA LEU C 98 -18.53 -8.12 21.46
C LEU C 98 -20.04 -8.29 21.33
N GLY C 99 -20.77 -7.97 22.40
CA GLY C 99 -22.21 -8.15 22.43
C GLY C 99 -23.00 -7.15 21.60
N ASN C 100 -22.50 -6.82 20.42
CA ASN C 100 -23.24 -6.01 19.47
C ASN C 100 -23.34 -6.63 18.07
N MET C 101 -22.55 -7.66 17.75
CA MET C 101 -22.74 -8.37 16.49
C MET C 101 -24.00 -9.21 16.65
N VAL C 102 -25.15 -8.59 16.36
CA VAL C 102 -26.42 -9.28 16.55
C VAL C 102 -26.52 -10.49 15.62
N SER C 103 -26.01 -10.36 14.39
CA SER C 103 -26.10 -11.45 13.43
C SER C 103 -25.34 -12.68 13.92
N LEU C 104 -24.38 -12.49 14.82
CA LEU C 104 -23.64 -13.62 15.39
C LEU C 104 -24.57 -14.61 16.05
N ARG C 105 -24.52 -15.86 15.58
CA ARG C 105 -25.46 -16.88 15.99
C ARG C 105 -24.78 -18.06 16.65
N GLU C 106 -23.48 -18.18 16.51
CA GLU C 106 -22.78 -19.28 17.16
C GLU C 106 -21.43 -18.75 17.61
N LEU C 107 -21.14 -18.89 18.90
CA LEU C 107 -19.96 -18.29 19.51
C LEU C 107 -19.29 -19.34 20.38
N LEU C 108 -18.03 -19.65 20.11
CA LEU C 108 -17.32 -20.69 20.82
C LEU C 108 -16.25 -20.05 21.70
N LEU C 109 -16.37 -20.26 23.01
CA LEU C 109 -15.50 -19.60 23.98
C LEU C 109 -14.82 -20.58 24.93
N ASN C 110 -14.81 -21.87 24.61
CA ASN C 110 -14.23 -22.86 25.51
C ASN C 110 -12.70 -22.78 25.47
N ASN C 111 -12.07 -23.40 26.48
CA ASN C 111 -10.62 -23.58 26.54
C ASN C 111 -9.91 -22.23 26.70
N ASN C 112 -10.31 -21.47 27.73
CA ASN C 112 -9.83 -20.10 27.84
C ASN C 112 -9.44 -19.72 29.26
N LEU C 113 -9.64 -18.44 29.61
CA LEU C 113 -9.26 -17.91 30.90
C LEU C 113 -10.31 -16.93 31.43
N LEU C 114 -11.52 -17.00 30.90
CA LEU C 114 -12.58 -16.05 31.24
C LEU C 114 -13.09 -16.34 32.65
N ARG C 115 -13.01 -15.36 33.53
CA ARG C 115 -13.45 -15.54 34.91
C ARG C 115 -14.92 -15.20 35.07
N VAL C 116 -15.42 -14.21 34.31
CA VAL C 116 -16.84 -13.89 34.15
C VAL C 116 -17.06 -13.46 32.70
N LEU C 117 -18.30 -13.08 32.35
CA LEU C 117 -18.57 -12.55 31.02
C LEU C 117 -19.15 -11.14 31.08
N PRO C 118 -18.91 -10.33 30.05
CA PRO C 118 -19.57 -9.02 29.96
C PRO C 118 -21.08 -9.21 29.87
N TYR C 119 -21.79 -8.49 30.74
CA TYR C 119 -23.25 -8.59 30.76
C TYR C 119 -23.86 -8.10 29.45
N GLU C 120 -23.16 -7.22 28.74
CA GLU C 120 -23.64 -6.71 27.46
C GLU C 120 -23.89 -7.84 26.46
N LEU C 121 -23.20 -8.98 26.64
CA LEU C 121 -23.34 -10.11 25.72
C LEU C 121 -24.78 -10.59 25.62
N GLY C 122 -25.56 -10.44 26.69
CA GLY C 122 -26.96 -10.83 26.72
C GLY C 122 -27.79 -10.22 25.62
N ARG C 123 -27.33 -9.09 25.08
CA ARG C 123 -28.00 -8.47 23.93
C ARG C 123 -28.15 -9.45 22.77
N LEU C 124 -27.07 -10.15 22.42
CA LEU C 124 -27.09 -11.11 21.32
C LEU C 124 -28.15 -12.18 21.54
N PHE C 125 -29.33 -11.99 20.96
CA PHE C 125 -30.43 -12.93 21.15
C PHE C 125 -30.48 -13.99 20.06
N GLN C 126 -29.99 -13.69 18.86
CA GLN C 126 -29.96 -14.68 17.80
C GLN C 126 -28.93 -15.78 18.05
N LEU C 127 -28.08 -15.63 19.06
CA LEU C 127 -27.14 -16.68 19.45
C LEU C 127 -27.85 -18.00 19.66
N GLN C 128 -27.31 -19.06 19.05
CA GLN C 128 -27.90 -20.38 19.07
C GLN C 128 -27.10 -21.37 19.90
N THR C 129 -25.79 -21.14 20.04
CA THR C 129 -24.90 -22.03 20.77
C THR C 129 -23.90 -21.19 21.54
N LEU C 130 -23.92 -21.31 22.87
CA LEU C 130 -22.98 -20.59 23.74
C LEU C 130 -22.10 -21.62 24.44
N GLY C 131 -20.85 -21.71 24.02
CA GLY C 131 -19.92 -22.66 24.59
C GLY C 131 -19.09 -22.05 25.69
N LEU C 132 -19.32 -22.49 26.93
CA LEU C 132 -18.64 -21.92 28.08
C LEU C 132 -17.87 -22.95 28.89
N LYS C 133 -17.83 -24.20 28.45
CA LYS C 133 -17.19 -25.25 29.24
C LYS C 133 -15.69 -25.01 29.39
N GLY C 134 -15.19 -25.28 30.59
CA GLY C 134 -13.76 -25.14 30.86
C GLY C 134 -13.33 -23.77 31.34
N ASN C 135 -14.26 -22.96 31.84
CA ASN C 135 -13.94 -21.62 32.32
C ASN C 135 -14.24 -21.51 33.81
N PRO C 136 -13.41 -20.81 34.57
CA PRO C 136 -13.61 -20.67 36.02
C PRO C 136 -14.66 -19.61 36.36
N LEU C 137 -15.87 -19.80 35.84
CA LEU C 137 -16.98 -18.91 36.13
C LEU C 137 -17.48 -19.14 37.55
N SER C 138 -18.28 -18.20 38.03
CA SER C 138 -18.86 -18.37 39.36
C SER C 138 -19.98 -19.40 39.30
N GLN C 139 -20.33 -19.91 40.48
CA GLN C 139 -21.28 -21.01 40.55
C GLN C 139 -22.68 -20.59 40.10
N ASP C 140 -23.06 -19.34 40.37
CA ASP C 140 -24.39 -18.87 39.99
C ASP C 140 -24.55 -18.81 38.48
N ILE C 141 -23.51 -18.38 37.77
CA ILE C 141 -23.54 -18.40 36.31
C ILE C 141 -23.57 -19.83 35.80
N LEU C 142 -22.76 -20.72 36.39
CA LEU C 142 -22.73 -22.11 35.96
C LEU C 142 -24.06 -22.81 36.21
N ASN C 143 -24.76 -22.43 37.29
CA ASN C 143 -26.07 -23.02 37.57
C ASN C 143 -27.09 -22.65 36.50
N LEU C 144 -27.11 -21.37 36.09
CA LEU C 144 -28.04 -20.93 35.05
C LEU C 144 -27.73 -21.57 33.71
N TYR C 145 -26.45 -21.85 33.44
CA TYR C 145 -26.05 -22.41 32.14
C TYR C 145 -26.22 -23.92 32.06
N GLN C 146 -26.20 -24.62 33.19
CA GLN C 146 -26.36 -26.06 33.21
C GLN C 146 -27.81 -26.51 33.12
N ASP C 147 -28.76 -25.59 33.28
CA ASP C 147 -30.19 -25.91 33.17
C ASP C 147 -30.51 -26.39 31.75
N PRO C 148 -31.64 -27.06 31.57
CA PRO C 148 -32.18 -27.22 30.21
C PRO C 148 -32.46 -25.85 29.62
N ASP C 149 -31.96 -25.63 28.39
CA ASP C 149 -32.04 -24.32 27.74
C ASP C 149 -31.21 -23.27 28.50
N GLY C 150 -30.06 -23.70 29.02
CA GLY C 150 -29.26 -22.82 29.86
C GLY C 150 -28.66 -21.65 29.11
N THR C 151 -28.49 -21.78 27.79
CA THR C 151 -28.01 -20.65 26.99
C THR C 151 -29.00 -19.50 27.04
N ARG C 152 -30.28 -19.79 26.77
CA ARG C 152 -31.27 -18.72 26.78
C ARG C 152 -31.53 -18.20 28.19
N LYS C 153 -31.51 -19.09 29.18
CA LYS C 153 -31.73 -18.66 30.56
C LYS C 153 -30.63 -17.73 31.03
N LEU C 154 -29.40 -17.97 30.59
CA LEU C 154 -28.28 -17.11 30.98
C LEU C 154 -28.35 -15.75 30.28
N LEU C 155 -28.71 -15.75 28.99
CA LEU C 155 -28.79 -14.49 28.24
C LEU C 155 -29.95 -13.63 28.75
N ASN C 156 -31.08 -14.25 29.10
CA ASN C 156 -32.22 -13.50 29.63
C ASN C 156 -31.87 -12.88 30.98
N PHE C 157 -31.17 -13.63 31.83
CA PHE C 157 -30.73 -13.09 33.11
C PHE C 157 -29.82 -11.89 32.94
N MET C 158 -28.86 -11.98 32.00
CA MET C 158 -27.93 -10.87 31.78
C MET C 158 -28.67 -9.63 31.28
N LEU C 159 -29.60 -9.82 30.33
CA LEU C 159 -30.31 -8.70 29.77
C LEU C 159 -31.25 -8.08 30.81
N ASP C 160 -31.83 -8.91 31.68
CA ASP C 160 -32.68 -8.38 32.76
C ASP C 160 -31.88 -7.58 33.76
N ASN C 161 -30.59 -7.89 33.88
CA ASN C 161 -29.71 -7.25 34.84
C ASN C 161 -28.74 -6.27 34.17
N LEU C 162 -28.94 -5.99 32.88
CA LEU C 162 -28.09 -5.02 32.19
C LEU C 162 -28.49 -3.61 32.60
N ALA C 163 -27.48 -2.75 32.79
CA ALA C 163 -27.71 -1.41 33.31
C ALA C 163 -28.42 -0.52 32.30
N VAL C 164 -29.50 0.14 32.74
CA VAL C 164 -30.20 1.11 31.91
C VAL C 164 -30.12 2.49 32.55
N LYS C 200 -50.46 -8.10 27.34
CA LYS C 200 -50.93 -8.98 26.28
C LYS C 200 -49.99 -10.17 26.11
N TYR C 201 -49.77 -10.56 24.86
CA TYR C 201 -48.80 -11.57 24.47
C TYR C 201 -47.37 -11.07 24.64
N ALA C 202 -46.65 -10.82 23.55
CA ALA C 202 -45.32 -10.21 23.58
C ALA C 202 -44.36 -11.01 24.45
N THR C 203 -43.75 -12.04 23.89
CA THR C 203 -42.86 -12.93 24.64
C THR C 203 -41.40 -12.71 24.21
N ARG C 204 -40.49 -13.24 25.04
CA ARG C 204 -39.06 -13.30 24.73
C ARG C 204 -38.76 -13.81 23.35
N GLN C 205 -39.34 -14.94 23.02
CA GLN C 205 -38.97 -15.81 21.90
C GLN C 205 -39.16 -15.08 20.56
N LEU C 206 -40.06 -14.09 20.52
CA LEU C 206 -40.26 -13.16 19.42
C LEU C 206 -39.70 -11.76 19.66
N TYR C 207 -39.95 -11.15 20.82
CA TYR C 207 -39.34 -9.87 21.15
C TYR C 207 -38.10 -10.11 22.02
N GLY C 208 -36.92 -9.89 21.44
CA GLY C 208 -35.66 -10.06 22.14
C GLY C 208 -35.14 -8.82 22.84
N TYR C 209 -34.82 -7.79 22.06
CA TYR C 209 -34.62 -6.42 22.54
C TYR C 209 -35.25 -5.96 23.86
N CYS C 210 -36.54 -6.15 24.10
CA CYS C 210 -37.05 -5.83 25.44
C CYS C 210 -36.58 -6.90 26.41
N PRO C 211 -35.88 -6.54 27.49
CA PRO C 211 -35.52 -7.54 28.50
C PRO C 211 -36.78 -8.10 29.16
N SER C 212 -36.61 -9.24 29.85
CA SER C 212 -37.76 -9.94 30.40
C SER C 212 -38.52 -9.07 31.40
N TRP C 213 -37.80 -8.39 32.29
CA TRP C 213 -38.45 -7.50 33.24
C TRP C 213 -39.21 -6.37 32.54
N ALA C 214 -38.76 -5.99 31.33
CA ALA C 214 -39.43 -4.93 30.58
C ALA C 214 -40.65 -5.42 29.80
N LEU C 215 -40.65 -6.67 29.34
CA LEU C 215 -41.83 -7.23 28.67
C LEU C 215 -42.94 -7.60 29.64
N ASN C 216 -42.65 -7.71 30.93
CA ASN C 216 -43.72 -7.84 31.92
C ASN C 216 -44.75 -6.75 31.69
N TRP C 217 -46.03 -7.13 31.76
CA TRP C 217 -47.09 -6.23 31.33
C TRP C 217 -47.19 -5.03 32.28
N GLU C 218 -46.76 -5.19 33.53
CA GLU C 218 -46.82 -4.08 34.49
C GLU C 218 -45.85 -2.96 34.13
N TYR C 219 -44.68 -3.27 33.57
CA TYR C 219 -43.69 -2.22 33.30
C TYR C 219 -44.14 -1.31 32.17
N ARG C 220 -44.62 -1.88 31.05
CA ARG C 220 -45.04 -1.05 29.93
C ARG C 220 -46.42 -0.44 30.14
N LYS C 221 -47.24 -0.98 31.04
CA LYS C 221 -48.46 -0.25 31.42
C LYS C 221 -48.14 1.09 32.05
N LYS C 222 -47.07 1.14 32.85
CA LYS C 222 -46.66 2.41 33.44
C LYS C 222 -46.43 3.45 32.36
N GLY C 223 -45.58 3.12 31.36
CA GLY C 223 -45.30 4.05 30.28
C GLY C 223 -46.47 4.30 29.36
N ILE C 224 -47.34 3.29 29.18
CA ILE C 224 -48.57 3.48 28.42
C ILE C 224 -49.41 4.60 29.04
N MET C 225 -49.61 4.54 30.37
CA MET C 225 -50.44 5.54 31.03
C MET C 225 -49.83 6.94 30.93
N GLU C 226 -48.50 7.04 30.97
CA GLU C 226 -47.88 8.36 30.88
C GLU C 226 -48.10 9.00 29.52
N GLU C 227 -47.98 8.22 28.44
CA GLU C 227 -48.28 8.73 27.10
C GLU C 227 -49.76 9.09 26.94
N ILE C 228 -50.65 8.39 27.63
CA ILE C 228 -52.08 8.72 27.53
C ILE C 228 -52.31 10.17 27.95
N VAL C 229 -51.72 10.59 29.07
CA VAL C 229 -51.83 11.99 29.50
C VAL C 229 -51.15 12.91 28.49
N ASN C 230 -49.87 12.68 28.22
CA ASN C 230 -49.09 13.48 27.28
C ASN C 230 -49.73 13.53 25.89
N PRO C 506 -41.28 14.98 18.38
CA PRO C 506 -39.90 15.06 17.91
C PRO C 506 -39.14 13.75 18.14
N LEU C 507 -39.11 12.90 17.12
CA LEU C 507 -38.53 11.56 17.23
C LEU C 507 -37.17 11.54 16.54
N ASP C 508 -36.19 12.14 17.21
CA ASP C 508 -34.83 12.21 16.68
C ASP C 508 -34.20 10.83 16.66
N PRO C 509 -33.79 10.31 15.49
CA PRO C 509 -33.08 9.02 15.46
C PRO C 509 -31.64 9.10 15.93
N GLN C 510 -31.17 10.28 16.37
CA GLN C 510 -29.78 10.46 16.78
C GLN C 510 -29.37 9.49 17.88
N TRP C 511 -30.26 9.27 18.85
CA TRP C 511 -30.00 8.34 19.95
C TRP C 511 -29.56 6.97 19.46
N LEU C 512 -30.01 6.58 18.27
CA LEU C 512 -29.84 5.22 17.75
C LEU C 512 -29.11 5.28 16.40
N VAL C 513 -27.78 5.47 16.50
CA VAL C 513 -26.86 5.54 15.36
C VAL C 513 -25.69 4.60 15.66
N GLU C 514 -24.75 5.06 16.49
CA GLU C 514 -23.84 4.13 17.16
C GLU C 514 -24.34 3.07 18.10
N ASN C 515 -25.04 3.49 19.14
CA ASN C 515 -25.71 2.47 19.96
C ASN C 515 -26.61 1.57 19.11
N ASN C 516 -27.30 2.17 18.15
CA ASN C 516 -28.53 1.65 17.57
C ASN C 516 -29.35 0.95 18.65
N ILE C 517 -30.15 1.72 19.39
CA ILE C 517 -31.14 1.09 20.25
C ILE C 517 -32.36 0.92 19.36
N THR C 518 -32.16 0.36 18.16
CA THR C 518 -33.27 0.30 17.20
C THR C 518 -34.36 -0.66 17.66
N GLY C 519 -33.98 -1.74 18.34
CA GLY C 519 -34.93 -2.71 18.83
C GLY C 519 -36.03 -2.09 19.68
N CYS C 520 -37.28 -2.24 19.26
CA CYS C 520 -38.36 -1.47 19.86
C CYS C 520 -38.74 -2.01 21.25
N PRO C 521 -40.01 -1.87 21.69
CA PRO C 521 -40.28 -1.27 23.02
C PRO C 521 -39.16 -1.32 24.07
N HIS C 522 -37.92 -0.92 23.72
CA HIS C 522 -36.81 -0.70 24.65
C HIS C 522 -37.36 0.04 25.86
N PRO C 523 -36.99 -0.33 27.13
CA PRO C 523 -37.97 -0.23 28.22
C PRO C 523 -38.61 1.14 28.41
N HIS C 524 -38.02 2.23 27.91
CA HIS C 524 -38.76 3.50 27.84
C HIS C 524 -40.03 3.34 26.99
N ILE C 525 -39.89 2.86 25.76
CA ILE C 525 -41.05 2.68 24.89
C ILE C 525 -41.94 1.57 25.46
N PRO C 526 -43.25 1.79 25.60
CA PRO C 526 -44.19 0.73 26.01
C PRO C 526 -44.41 -0.28 24.91
#